data_3OLP
#
_entry.id   3OLP
#
_cell.length_a   58.125
_cell.length_b   85.125
_cell.length_c   111.879
_cell.angle_alpha   90.00
_cell.angle_beta   94.42
_cell.angle_gamma   90.00
#
_symmetry.space_group_name_H-M   'P 1 21 1'
#
loop_
_entity.id
_entity.type
_entity.pdbx_description
1 polymer Phosphoglucomutase
2 non-polymer 'MAGNESIUM ION'
3 non-polymer 'PHOSPHATE ION'
4 water water
#
_entity_poly.entity_id   1
_entity_poly.type   'polypeptide(L)'
_entity_poly.pdbx_seq_one_letter_code
;MHHHHHHSSGVDLGTENLYFQSNAMAIHNRAGQPAQQSDLINVAQLTAQYYVLKPEAGNAEHAVKFGTSGHRGSAGRHSF
NEPHILAIAQAIAEERAKNGITGPCYVGKDTHALSEPAFISVLEVLAANGVDVIVQENNGFTPTPAVSNAILVHNKKGGP
LADGIVITPSHNPPEDGGIKYNPPNGGPADTNVTKVVEDRANALLAGGLQGVKRISLDAAMASGHVKAVDLVQPFVEGLA
DIVDMAAIQKAGLTLGVDPLGGSGIEYWKRIAEHYKLNLTLVNDQVDQTFRFMHLDKDGAIRMDCSSECAMAGLLALRDK
FDLAFANDPDYDRHGIVTPAGLMNPNHYLAVAINYLFQHRPLWGKDVAVGKTLVSSAMIDRVVNDLGRKLVEVPVGFKWF
VDGLFDGSFGFGGEESAGASFLRFDGTPWSTDKDGIIMCLLAAEITAVTGKNPQEHYNELAARFGAPSYNRLQASATSAQ
KAALSKLSPEMVSASTLAGDPITARLTAAPGNGASIGGLKVMTDNGWFAARPSGTEDAYKIYCESFLGEEHRKQIEKEAV
EIVSEVLKNA
;
_entity_poly.pdbx_strand_id   A,B
#
loop_
_chem_comp.id
_chem_comp.type
_chem_comp.name
_chem_comp.formula
MG non-polymer 'MAGNESIUM ION' 'Mg 2'
PO4 non-polymer 'PHOSPHATE ION' 'O4 P -3'
#
# COMPACT_ATOMS: atom_id res chain seq x y z
N ALA A 26 -17.94 14.34 -20.05
CA ALA A 26 -17.03 13.33 -19.43
C ALA A 26 -15.89 13.99 -18.63
N ILE A 27 -15.67 15.31 -18.83
CA ILE A 27 -14.49 16.00 -18.28
C ILE A 27 -14.68 16.84 -17.00
N HIS A 28 -14.15 16.32 -15.91
CA HIS A 28 -14.30 16.83 -14.55
C HIS A 28 -13.33 17.99 -14.24
N ASN A 29 -13.70 18.85 -13.29
CA ASN A 29 -12.81 19.93 -12.81
C ASN A 29 -11.37 19.47 -12.54
N ARG A 30 -11.23 18.26 -11.99
CA ARG A 30 -9.91 17.79 -11.54
C ARG A 30 -9.21 16.85 -12.51
N ALA A 31 -9.77 16.71 -13.71
CA ALA A 31 -9.16 15.88 -14.77
C ALA A 31 -7.72 16.35 -15.01
N GLY A 32 -6.80 15.40 -15.04
CA GLY A 32 -5.41 15.72 -15.33
C GLY A 32 -4.59 16.22 -14.17
N GLN A 33 -5.22 16.48 -13.01
N GLN A 33 -5.22 16.46 -13.01
CA GLN A 33 -4.49 16.92 -11.83
CA GLN A 33 -4.49 16.92 -11.84
C GLN A 33 -3.80 15.73 -11.16
C GLN A 33 -3.82 15.74 -11.13
N PRO A 34 -2.69 15.98 -10.42
CA PRO A 34 -2.08 14.90 -9.65
C PRO A 34 -3.01 14.46 -8.54
N ALA A 35 -3.05 13.15 -8.29
CA ALA A 35 -3.84 12.59 -7.19
C ALA A 35 -3.35 13.16 -5.87
N GLN A 36 -4.29 13.37 -4.95
CA GLN A 36 -4.05 13.89 -3.61
CA GLN A 36 -3.95 13.85 -3.63
C GLN A 36 -4.22 12.74 -2.62
N GLN A 37 -3.71 12.93 -1.40
CA GLN A 37 -3.87 11.95 -0.34
C GLN A 37 -5.34 11.54 -0.15
N SER A 38 -6.25 12.52 -0.22
CA SER A 38 -7.69 12.27 -0.09
C SER A 38 -8.28 11.36 -1.20
N ASP A 39 -7.63 11.30 -2.36
CA ASP A 39 -8.05 10.39 -3.45
C ASP A 39 -7.68 8.90 -3.25
N LEU A 40 -6.91 8.58 -2.21
CA LEU A 40 -6.26 7.24 -2.13
C LEU A 40 -6.99 6.22 -1.27
N ILE A 41 -6.86 4.93 -1.62
CA ILE A 41 -7.43 3.83 -0.82
C ILE A 41 -6.49 3.48 0.35
N ASN A 42 -7.05 2.80 1.34
CA ASN A 42 -6.29 2.21 2.42
C ASN A 42 -6.08 0.76 1.98
N VAL A 43 -4.86 0.46 1.50
CA VAL A 43 -4.58 -0.82 0.88
C VAL A 43 -4.79 -1.98 1.84
N ALA A 44 -4.23 -1.92 3.04
CA ALA A 44 -4.37 -3.03 3.99
C ALA A 44 -5.82 -3.27 4.42
N GLN A 45 -6.59 -2.21 4.58
CA GLN A 45 -8.01 -2.36 4.91
C GLN A 45 -8.77 -3.05 3.78
N LEU A 46 -8.52 -2.61 2.54
CA LEU A 46 -9.14 -3.26 1.37
C LEU A 46 -8.78 -4.75 1.30
N THR A 47 -7.50 -5.07 1.54
CA THR A 47 -7.04 -6.47 1.49
C THR A 47 -7.67 -7.29 2.61
N ALA A 48 -7.78 -6.70 3.79
CA ALA A 48 -8.49 -7.39 4.87
C ALA A 48 -9.95 -7.67 4.52
N GLN A 49 -10.60 -6.74 3.84
CA GLN A 49 -12.02 -6.89 3.45
C GLN A 49 -12.21 -8.11 2.53
N TYR A 50 -11.18 -8.42 1.74
CA TYR A 50 -11.20 -9.62 0.89
C TYR A 50 -11.48 -10.87 1.71
N TYR A 51 -10.88 -10.94 2.89
CA TYR A 51 -11.04 -12.08 3.80
C TYR A 51 -12.20 -11.96 4.76
N VAL A 52 -12.50 -10.76 5.22
CA VAL A 52 -13.51 -10.58 6.29
C VAL A 52 -14.93 -10.26 5.82
N LEU A 53 -15.08 -9.77 4.60
CA LEU A 53 -16.40 -9.52 4.03
C LEU A 53 -16.78 -10.65 3.09
N LYS A 54 -18.09 -10.90 2.97
CA LYS A 54 -18.62 -11.99 2.15
C LYS A 54 -19.68 -11.46 1.20
N PRO A 55 -19.84 -12.12 0.03
CA PRO A 55 -21.01 -11.83 -0.80
C PRO A 55 -22.28 -12.23 -0.06
N GLU A 56 -23.33 -11.42 -0.17
CA GLU A 56 -24.60 -11.67 0.52
C GLU A 56 -25.47 -12.61 -0.29
N ALA A 57 -25.95 -13.66 0.37
CA ALA A 57 -26.80 -14.69 -0.23
C ALA A 57 -28.00 -14.06 -0.93
N GLY A 58 -28.07 -14.25 -2.25
CA GLY A 58 -29.22 -13.82 -3.04
C GLY A 58 -29.11 -12.47 -3.71
N ASN A 59 -28.00 -11.76 -3.47
CA ASN A 59 -27.78 -10.45 -4.06
C ASN A 59 -27.01 -10.59 -5.36
N ALA A 60 -27.69 -10.31 -6.48
CA ALA A 60 -27.10 -10.48 -7.81
C ALA A 60 -25.84 -9.64 -7.99
N GLU A 61 -25.80 -8.49 -7.31
CA GLU A 61 -24.65 -7.59 -7.40
C GLU A 61 -23.38 -8.21 -6.84
N HIS A 62 -23.53 -9.19 -5.95
CA HIS A 62 -22.40 -9.86 -5.29
C HIS A 62 -22.04 -11.19 -5.97
N ALA A 63 -22.76 -11.53 -7.05
CA ALA A 63 -22.57 -12.81 -7.72
C ALA A 63 -21.31 -12.78 -8.58
N VAL A 64 -20.80 -13.97 -8.91
CA VAL A 64 -19.76 -14.06 -9.93
C VAL A 64 -20.37 -13.65 -11.28
N LYS A 65 -19.76 -12.66 -11.91
CA LYS A 65 -20.10 -12.24 -13.24
C LYS A 65 -18.86 -12.41 -14.11
N PHE A 66 -18.74 -13.59 -14.72
CA PHE A 66 -17.49 -14.01 -15.33
C PHE A 66 -17.70 -14.02 -16.84
N GLY A 67 -17.31 -12.93 -17.49
CA GLY A 67 -17.49 -12.82 -18.93
C GLY A 67 -16.18 -12.68 -19.69
N THR A 68 -16.25 -11.85 -20.73
CA THR A 68 -15.20 -11.59 -21.68
C THR A 68 -13.85 -11.28 -21.04
N SER A 69 -13.85 -10.42 -20.03
CA SER A 69 -12.61 -10.13 -19.33
C SER A 69 -12.63 -10.69 -17.91
N GLY A 70 -13.34 -11.81 -17.73
CA GLY A 70 -13.39 -12.50 -16.47
C GLY A 70 -14.32 -11.82 -15.48
N HIS A 71 -14.02 -11.95 -14.20
CA HIS A 71 -14.86 -11.38 -13.17
C HIS A 71 -14.14 -10.22 -12.53
N ARG A 72 -14.82 -9.09 -12.40
CA ARG A 72 -14.21 -7.93 -11.73
C ARG A 72 -15.12 -7.41 -10.64
N GLY A 73 -14.53 -6.79 -9.62
CA GLY A 73 -15.32 -6.19 -8.56
C GLY A 73 -14.38 -5.60 -7.53
N SER A 74 -14.89 -5.39 -6.32
CA SER A 74 -14.07 -4.87 -5.22
C SER A 74 -14.51 -5.50 -3.91
N ALA A 75 -13.53 -5.85 -3.08
CA ALA A 75 -13.75 -6.44 -1.77
C ALA A 75 -14.66 -5.61 -0.89
N GLY A 76 -14.52 -4.28 -0.96
CA GLY A 76 -15.35 -3.39 -0.13
C GLY A 76 -16.79 -3.30 -0.61
N ARG A 77 -17.07 -3.80 -1.82
CA ARG A 77 -18.44 -3.86 -2.35
C ARG A 77 -18.96 -5.30 -2.41
N HIS A 78 -18.29 -6.22 -1.71
CA HIS A 78 -18.69 -7.63 -1.61
C HIS A 78 -18.71 -8.33 -2.97
N SER A 79 -17.92 -7.84 -3.92
CA SER A 79 -17.91 -8.36 -5.29
C SER A 79 -16.52 -8.84 -5.74
N PHE A 80 -15.59 -8.90 -4.80
CA PHE A 80 -14.25 -9.47 -5.09
C PHE A 80 -13.58 -9.86 -3.77
N ASN A 81 -13.95 -11.05 -3.29
CA ASN A 81 -13.60 -11.51 -1.95
C ASN A 81 -13.22 -12.97 -2.01
N GLU A 82 -12.67 -13.51 -0.91
CA GLU A 82 -12.17 -14.87 -0.92
C GLU A 82 -13.16 -15.91 -1.52
N PRO A 83 -14.45 -15.86 -1.11
CA PRO A 83 -15.40 -16.83 -1.68
C PRO A 83 -15.50 -16.81 -3.22
N HIS A 84 -15.52 -15.62 -3.83
CA HIS A 84 -15.56 -15.52 -5.31
C HIS A 84 -14.37 -16.22 -5.93
N ILE A 85 -13.17 -15.94 -5.40
CA ILE A 85 -11.96 -16.45 -6.04
C ILE A 85 -11.83 -17.97 -5.82
N LEU A 86 -12.14 -18.42 -4.61
CA LEU A 86 -12.19 -19.88 -4.36
C LEU A 86 -13.15 -20.56 -5.33
N ALA A 87 -14.34 -19.98 -5.52
CA ALA A 87 -15.34 -20.55 -6.43
C ALA A 87 -14.89 -20.57 -7.88
N ILE A 88 -14.40 -19.43 -8.38
CA ILE A 88 -13.90 -19.32 -9.75
C ILE A 88 -12.71 -20.28 -10.03
N ALA A 89 -11.74 -20.32 -9.13
CA ALA A 89 -10.59 -21.22 -9.30
C ALA A 89 -10.98 -22.71 -9.34
N GLN A 90 -11.93 -23.10 -8.49
CA GLN A 90 -12.42 -24.49 -8.52
C GLN A 90 -13.17 -24.77 -9.84
N ALA A 91 -13.99 -23.83 -10.28
CA ALA A 91 -14.70 -23.94 -11.56
C ALA A 91 -13.71 -24.03 -12.73
N ILE A 92 -12.65 -23.25 -12.68
CA ILE A 92 -11.61 -23.31 -13.73
C ILE A 92 -10.87 -24.66 -13.71
N ALA A 93 -10.47 -25.11 -12.52
CA ALA A 93 -9.81 -26.42 -12.38
C ALA A 93 -10.68 -27.54 -12.95
N GLU A 94 -11.97 -27.52 -12.61
CA GLU A 94 -12.91 -28.52 -13.14
C GLU A 94 -13.06 -28.46 -14.67
N GLU A 95 -13.25 -27.26 -15.20
CA GLU A 95 -13.46 -27.07 -16.66
C GLU A 95 -12.24 -27.48 -17.44
N ARG A 96 -11.05 -27.13 -16.96
CA ARG A 96 -9.85 -27.48 -17.70
C ARG A 96 -9.62 -29.00 -17.72
N ALA A 97 -9.94 -29.66 -16.59
CA ALA A 97 -9.83 -31.12 -16.49
C ALA A 97 -10.82 -31.80 -17.41
N LYS A 98 -12.06 -31.30 -17.42
CA LYS A 98 -13.11 -31.84 -18.28
C LYS A 98 -12.72 -31.76 -19.75
N ASN A 99 -11.95 -30.74 -20.12
CA ASN A 99 -11.46 -30.56 -21.48
C ASN A 99 -10.13 -31.23 -21.76
N GLY A 100 -9.69 -32.08 -20.83
CA GLY A 100 -8.46 -32.86 -21.02
C GLY A 100 -7.16 -32.06 -20.99
N ILE A 101 -7.17 -30.91 -20.33
CA ILE A 101 -5.97 -30.09 -20.18
C ILE A 101 -5.19 -30.56 -18.95
N THR A 102 -4.00 -31.11 -19.14
CA THR A 102 -3.28 -31.75 -18.02
C THR A 102 -1.88 -31.20 -17.78
N GLY A 103 -1.47 -30.21 -18.58
CA GLY A 103 -0.21 -29.54 -18.36
C GLY A 103 -0.33 -28.44 -17.31
N PRO A 104 0.67 -27.55 -17.23
CA PRO A 104 0.66 -26.55 -16.17
C PRO A 104 -0.31 -25.39 -16.44
N CYS A 105 -0.67 -24.67 -15.38
CA CYS A 105 -1.43 -23.43 -15.50
C CYS A 105 -0.51 -22.26 -15.14
N TYR A 106 -0.24 -21.39 -16.10
CA TYR A 106 0.54 -20.18 -15.85
C TYR A 106 -0.33 -19.15 -15.15
N VAL A 107 0.04 -18.81 -13.91
CA VAL A 107 -0.77 -17.87 -13.14
C VAL A 107 0.01 -16.56 -12.95
N GLY A 108 -0.47 -15.52 -13.63
CA GLY A 108 0.16 -14.20 -13.60
C GLY A 108 -0.69 -13.17 -12.89
N LYS A 109 -0.05 -12.18 -12.28
CA LYS A 109 -0.81 -11.16 -11.58
C LYS A 109 -0.29 -9.75 -11.90
N ASP A 110 -1.17 -8.76 -11.82
CA ASP A 110 -0.76 -7.37 -12.02
C ASP A 110 -0.51 -6.72 -10.65
N THR A 111 -0.36 -5.39 -10.64
CA THR A 111 0.08 -4.66 -9.46
C THR A 111 -1.09 -4.10 -8.59
N HIS A 112 -2.34 -4.41 -8.92
CA HIS A 112 -3.47 -3.97 -8.05
C HIS A 112 -3.37 -4.71 -6.73
N ALA A 113 -3.81 -4.06 -5.65
CA ALA A 113 -3.80 -4.65 -4.31
C ALA A 113 -4.51 -6.01 -4.25
N LEU A 114 -5.73 -6.07 -4.79
CA LEU A 114 -6.52 -7.30 -4.65
C LEU A 114 -5.99 -8.46 -5.48
N SER A 115 -5.10 -8.17 -6.40
CA SER A 115 -4.44 -9.26 -7.12
C SER A 115 -3.63 -10.18 -6.18
N GLU A 116 -3.12 -9.63 -5.08
CA GLU A 116 -2.29 -10.41 -4.14
C GLU A 116 -3.07 -11.50 -3.37
N PRO A 117 -4.18 -11.14 -2.67
CA PRO A 117 -4.96 -12.22 -2.04
C PRO A 117 -5.62 -13.17 -3.08
N ALA A 118 -6.04 -12.63 -4.23
CA ALA A 118 -6.62 -13.51 -5.27
C ALA A 118 -5.61 -14.54 -5.77
N PHE A 119 -4.36 -14.10 -5.97
CA PHE A 119 -3.28 -14.97 -6.42
C PHE A 119 -3.11 -16.15 -5.47
N ILE A 120 -3.06 -15.88 -4.16
CA ILE A 120 -2.92 -16.93 -3.15
C ILE A 120 -4.09 -17.91 -3.15
N SER A 121 -5.31 -17.38 -3.23
CA SER A 121 -6.49 -18.24 -3.31
C SER A 121 -6.43 -19.17 -4.51
N VAL A 122 -5.99 -18.64 -5.64
CA VAL A 122 -5.87 -19.44 -6.86
C VAL A 122 -4.83 -20.53 -6.68
N LEU A 123 -3.68 -20.20 -6.07
CA LEU A 123 -2.66 -21.23 -5.83
C LEU A 123 -3.19 -22.33 -4.91
N GLU A 124 -3.89 -21.93 -3.85
CA GLU A 124 -4.45 -22.87 -2.85
C GLU A 124 -5.42 -23.88 -3.50
N VAL A 125 -6.29 -23.38 -4.37
CA VAL A 125 -7.31 -24.22 -4.98
C VAL A 125 -6.70 -25.08 -6.10
N LEU A 126 -5.92 -24.50 -7.00
CA LEU A 126 -5.33 -25.31 -8.06
C LEU A 126 -4.42 -26.42 -7.53
N ALA A 127 -3.56 -26.08 -6.56
CA ALA A 127 -2.66 -27.12 -6.01
C ALA A 127 -3.49 -28.23 -5.34
N ALA A 128 -4.59 -27.85 -4.68
CA ALA A 128 -5.49 -28.83 -4.05
C ALA A 128 -6.15 -29.74 -5.08
N ASN A 129 -6.42 -29.19 -6.25
CA ASN A 129 -7.01 -29.94 -7.34
C ASN A 129 -5.98 -30.72 -8.15
N GLY A 130 -4.72 -30.71 -7.71
CA GLY A 130 -3.64 -31.45 -8.39
C GLY A 130 -3.08 -30.76 -9.62
N VAL A 131 -3.28 -29.46 -9.75
CA VAL A 131 -2.86 -28.73 -10.96
C VAL A 131 -1.43 -28.24 -10.74
N ASP A 132 -0.57 -28.44 -11.73
CA ASP A 132 0.75 -27.83 -11.67
C ASP A 132 0.63 -26.35 -12.08
N VAL A 133 1.17 -25.49 -11.24
CA VAL A 133 1.07 -24.04 -11.41
C VAL A 133 2.46 -23.54 -11.71
N ILE A 134 2.57 -22.64 -12.67
CA ILE A 134 3.82 -21.95 -12.92
C ILE A 134 3.61 -20.45 -12.63
N VAL A 135 4.48 -19.88 -11.79
CA VAL A 135 4.36 -18.48 -11.38
C VAL A 135 5.68 -17.72 -11.61
N GLN A 136 5.59 -16.40 -11.67
CA GLN A 136 6.78 -15.56 -11.73
C GLN A 136 7.49 -15.60 -10.36
N GLU A 137 8.80 -15.85 -10.39
CA GLU A 137 9.62 -15.90 -9.18
C GLU A 137 9.60 -14.59 -8.40
N ASN A 138 9.88 -14.69 -7.09
CA ASN A 138 9.99 -13.52 -6.21
C ASN A 138 8.71 -12.67 -6.18
N ASN A 139 7.56 -13.34 -6.23
CA ASN A 139 6.25 -12.70 -6.23
C ASN A 139 6.12 -11.59 -7.29
N GLY A 140 6.73 -11.79 -8.44
CA GLY A 140 6.74 -10.77 -9.48
C GLY A 140 5.42 -10.63 -10.21
N PHE A 141 5.37 -9.67 -11.12
CA PHE A 141 4.17 -9.35 -11.87
C PHE A 141 4.33 -9.81 -13.30
N THR A 142 3.21 -10.12 -13.94
CA THR A 142 3.26 -10.69 -15.29
C THR A 142 2.19 -10.07 -16.17
N PRO A 143 2.59 -9.40 -17.28
CA PRO A 143 1.62 -8.93 -18.27
C PRO A 143 0.75 -10.05 -18.87
N THR A 144 -0.49 -9.72 -19.19
CA THR A 144 -1.38 -10.65 -19.88
C THR A 144 -0.74 -11.28 -21.13
N PRO A 145 -0.09 -10.48 -22.00
CA PRO A 145 0.50 -11.12 -23.18
C PRO A 145 1.69 -12.04 -22.87
N ALA A 146 2.36 -11.84 -21.73
CA ALA A 146 3.43 -12.72 -21.32
C ALA A 146 2.87 -14.07 -20.87
N VAL A 147 1.66 -14.07 -20.28
CA VAL A 147 0.95 -15.34 -19.99
C VAL A 147 0.52 -16.04 -21.28
N SER A 148 -0.13 -15.30 -22.19
CA SER A 148 -0.50 -15.83 -23.51
C SER A 148 0.74 -16.42 -24.23
N ASN A 149 1.80 -15.64 -24.33
CA ASN A 149 3.04 -16.12 -24.95
C ASN A 149 3.59 -17.37 -24.28
N ALA A 150 3.60 -17.42 -22.96
CA ALA A 150 4.14 -18.60 -22.27
C ALA A 150 3.32 -19.83 -22.59
N ILE A 151 1.99 -19.67 -22.63
CA ILE A 151 1.09 -20.77 -22.97
C ILE A 151 1.43 -21.32 -24.37
N LEU A 152 1.56 -20.40 -25.32
CA LEU A 152 1.73 -20.75 -26.74
C LEU A 152 3.08 -21.43 -26.96
N VAL A 153 4.11 -20.87 -26.33
CA VAL A 153 5.46 -21.45 -26.37
C VAL A 153 5.46 -22.85 -25.73
N HIS A 154 4.78 -23.00 -24.60
CA HIS A 154 4.69 -24.32 -23.96
C HIS A 154 4.04 -25.35 -24.88
N ASN A 155 2.90 -24.98 -25.43
CA ASN A 155 2.11 -25.88 -26.23
C ASN A 155 2.68 -26.25 -27.60
N LYS A 156 3.52 -25.38 -28.18
CA LYS A 156 4.25 -25.74 -29.40
C LYS A 156 5.19 -26.92 -29.18
N LYS A 157 5.63 -27.16 -27.95
CA LYS A 157 6.53 -28.29 -27.65
C LYS A 157 5.83 -29.65 -27.73
N GLY A 158 4.49 -29.64 -27.70
CA GLY A 158 3.71 -30.84 -28.01
C GLY A 158 3.52 -31.86 -26.90
N GLY A 159 3.58 -31.42 -25.64
CA GLY A 159 3.24 -32.33 -24.53
C GLY A 159 1.83 -32.06 -24.02
N PRO A 160 1.55 -32.38 -22.74
CA PRO A 160 0.26 -32.01 -22.15
C PRO A 160 0.05 -30.48 -22.25
N LEU A 161 -1.19 -30.06 -22.46
CA LEU A 161 -1.48 -28.66 -22.78
C LEU A 161 -1.43 -27.75 -21.55
N ALA A 162 -0.83 -26.58 -21.73
CA ALA A 162 -0.85 -25.53 -20.72
C ALA A 162 -2.02 -24.58 -20.96
N ASP A 163 -2.46 -23.91 -19.90
CA ASP A 163 -3.39 -22.79 -20.00
C ASP A 163 -2.93 -21.74 -18.99
N GLY A 164 -3.76 -20.75 -18.73
CA GLY A 164 -3.34 -19.71 -17.78
C GLY A 164 -4.47 -18.95 -17.14
N ILE A 165 -4.15 -18.28 -16.04
CA ILE A 165 -5.07 -17.41 -15.34
C ILE A 165 -4.37 -16.06 -15.21
N VAL A 166 -5.07 -14.98 -15.52
CA VAL A 166 -4.49 -13.64 -15.37
C VAL A 166 -5.28 -12.90 -14.31
N ILE A 167 -4.58 -12.47 -13.26
CA ILE A 167 -5.20 -11.80 -12.14
C ILE A 167 -4.98 -10.30 -12.28
N THR A 168 -6.00 -9.62 -12.80
CA THR A 168 -5.92 -8.18 -13.11
C THR A 168 -7.32 -7.64 -13.39
N PRO A 169 -7.61 -6.39 -12.97
CA PRO A 169 -8.84 -5.78 -13.53
C PRO A 169 -8.48 -4.70 -14.59
N SER A 170 -7.31 -4.87 -15.21
CA SER A 170 -6.81 -3.93 -16.23
C SER A 170 -6.69 -2.52 -15.64
N HIS A 171 -7.30 -1.53 -16.28
CA HIS A 171 -7.07 -0.15 -15.85
C HIS A 171 -8.10 0.38 -14.84
N ASN A 172 -8.99 -0.50 -14.36
CA ASN A 172 -9.91 -0.15 -13.26
C ASN A 172 -9.19 0.50 -12.07
N PRO A 173 -9.92 1.28 -11.25
CA PRO A 173 -9.31 2.02 -10.12
C PRO A 173 -8.60 1.12 -9.09
N PRO A 174 -7.75 1.71 -8.22
CA PRO A 174 -6.96 0.93 -7.26
C PRO A 174 -7.74 -0.04 -6.36
N GLU A 175 -9.01 0.24 -6.08
CA GLU A 175 -9.78 -0.65 -5.21
C GLU A 175 -10.32 -1.89 -5.90
N ASP A 176 -10.15 -2.01 -7.22
CA ASP A 176 -10.76 -3.12 -7.94
C ASP A 176 -9.87 -4.34 -8.09
N GLY A 177 -10.52 -5.50 -8.23
CA GLY A 177 -9.82 -6.76 -8.52
C GLY A 177 -10.42 -7.40 -9.77
N GLY A 178 -9.63 -8.25 -10.42
CA GLY A 178 -10.14 -9.01 -11.59
C GLY A 178 -9.46 -10.35 -11.73
N ILE A 179 -10.13 -11.28 -12.41
CA ILE A 179 -9.53 -12.57 -12.70
C ILE A 179 -10.16 -13.06 -14.01
N LYS A 180 -9.34 -13.61 -14.89
CA LYS A 180 -9.83 -14.14 -16.14
C LYS A 180 -9.03 -15.38 -16.53
N TYR A 181 -9.58 -16.15 -17.47
CA TYR A 181 -9.00 -17.43 -17.85
C TYR A 181 -8.57 -17.41 -19.32
N ASN A 182 -7.37 -17.90 -19.60
CA ASN A 182 -6.91 -18.11 -20.98
C ASN A 182 -6.73 -19.62 -21.25
N PRO A 183 -7.54 -20.21 -22.14
CA PRO A 183 -7.40 -21.63 -22.48
C PRO A 183 -6.11 -21.93 -23.28
N PRO A 184 -5.90 -23.19 -23.69
CA PRO A 184 -4.63 -23.54 -24.36
C PRO A 184 -4.33 -22.81 -25.68
N ASN A 185 -5.33 -22.20 -26.29
CA ASN A 185 -5.07 -21.36 -27.48
C ASN A 185 -4.45 -20.01 -27.11
N GLY A 186 -4.30 -19.78 -25.81
CA GLY A 186 -3.53 -18.65 -25.26
C GLY A 186 -4.32 -17.36 -25.10
N GLY A 187 -5.55 -17.36 -25.60
CA GLY A 187 -6.31 -16.13 -25.70
C GLY A 187 -7.45 -16.05 -24.72
N PRO A 188 -8.15 -14.92 -24.69
CA PRO A 188 -9.33 -14.83 -23.80
C PRO A 188 -10.32 -15.96 -24.09
N ALA A 189 -10.90 -16.52 -23.03
CA ALA A 189 -11.86 -17.60 -23.16
C ALA A 189 -13.13 -17.10 -23.85
N ASP A 190 -13.69 -17.93 -24.74
CA ASP A 190 -14.92 -17.53 -25.43
C ASP A 190 -16.15 -17.78 -24.54
N THR A 191 -17.32 -17.38 -25.02
CA THR A 191 -18.57 -17.47 -24.27
C THR A 191 -18.90 -18.89 -23.80
N ASN A 192 -18.64 -19.90 -24.63
CA ASN A 192 -18.90 -21.28 -24.21
C ASN A 192 -18.14 -21.68 -22.95
N VAL A 193 -16.90 -21.23 -22.84
CA VAL A 193 -16.11 -21.55 -21.66
C VAL A 193 -16.53 -20.69 -20.47
N THR A 194 -16.66 -19.38 -20.68
CA THR A 194 -16.92 -18.46 -19.56
C THR A 194 -18.27 -18.68 -18.91
N LYS A 195 -19.27 -19.03 -19.73
CA LYS A 195 -20.62 -19.29 -19.22
C LYS A 195 -20.63 -20.48 -18.26
N VAL A 196 -19.89 -21.53 -18.63
CA VAL A 196 -19.80 -22.74 -17.80
C VAL A 196 -19.04 -22.45 -16.50
N VAL A 197 -17.95 -21.69 -16.59
CA VAL A 197 -17.22 -21.28 -15.39
C VAL A 197 -18.10 -20.42 -14.47
N GLU A 198 -18.79 -19.44 -15.06
CA GLU A 198 -19.66 -18.54 -14.28
C GLU A 198 -20.76 -19.32 -13.55
N ASP A 199 -21.45 -20.20 -14.27
CA ASP A 199 -22.52 -21.02 -13.66
C ASP A 199 -22.02 -21.93 -12.55
N ARG A 200 -20.87 -22.58 -12.78
CA ARG A 200 -20.29 -23.45 -11.75
C ARG A 200 -19.84 -22.63 -10.52
N ALA A 201 -19.19 -21.48 -10.76
CA ALA A 201 -18.74 -20.65 -9.64
C ALA A 201 -19.90 -20.21 -8.78
N ASN A 202 -20.99 -19.84 -9.42
CA ASN A 202 -22.15 -19.38 -8.69
C ASN A 202 -22.82 -20.54 -7.96
N ALA A 203 -22.77 -21.74 -8.55
CA ALA A 203 -23.31 -22.92 -7.87
C ALA A 203 -22.47 -23.24 -6.63
N LEU A 204 -21.15 -23.15 -6.76
CA LEU A 204 -20.27 -23.37 -5.61
C LEU A 204 -20.52 -22.38 -4.46
N LEU A 205 -20.69 -21.10 -4.80
CA LEU A 205 -21.04 -20.05 -3.82
C LEU A 205 -22.35 -20.36 -3.11
N ALA A 206 -23.37 -20.68 -3.90
CA ALA A 206 -24.69 -21.03 -3.35
C ALA A 206 -24.60 -22.21 -2.41
N GLY A 207 -23.68 -23.13 -2.66
CA GLY A 207 -23.50 -24.31 -1.79
C GLY A 207 -22.51 -24.08 -0.66
N GLY A 208 -22.19 -22.83 -0.35
CA GLY A 208 -21.29 -22.50 0.75
C GLY A 208 -19.86 -22.98 0.58
N LEU A 209 -19.43 -23.12 -0.67
CA LEU A 209 -18.05 -23.55 -1.00
C LEU A 209 -17.73 -25.00 -0.63
N GLN A 210 -18.75 -25.79 -0.29
CA GLN A 210 -18.62 -27.24 -0.22
C GLN A 210 -18.21 -27.70 -1.61
N GLY A 211 -17.23 -28.57 -1.72
CA GLY A 211 -16.83 -28.95 -3.08
C GLY A 211 -15.81 -28.01 -3.71
N VAL A 212 -15.41 -26.93 -3.02
CA VAL A 212 -14.14 -26.29 -3.36
C VAL A 212 -13.06 -27.10 -2.63
N LYS A 213 -12.07 -27.58 -3.37
CA LYS A 213 -10.89 -28.21 -2.76
C LYS A 213 -9.85 -27.13 -2.49
N ARG A 214 -9.31 -27.11 -1.27
CA ARG A 214 -8.31 -26.10 -0.91
C ARG A 214 -7.30 -26.64 0.09
N ILE A 215 -6.06 -26.19 -0.06
CA ILE A 215 -5.02 -26.48 0.91
C ILE A 215 -4.40 -25.15 1.33
N SER A 216 -3.70 -25.12 2.45
CA SER A 216 -3.04 -23.90 2.90
C SER A 216 -1.96 -23.45 1.91
N LEU A 217 -1.57 -22.17 1.97
CA LEU A 217 -0.51 -21.68 1.10
C LEU A 217 0.79 -22.46 1.33
N ASP A 218 1.12 -22.73 2.58
CA ASP A 218 2.31 -23.53 2.92
C ASP A 218 2.27 -24.93 2.34
N ALA A 219 1.14 -25.64 2.53
CA ALA A 219 0.97 -26.95 1.89
C ALA A 219 1.07 -26.85 0.36
N ALA A 220 0.49 -25.81 -0.24
CA ALA A 220 0.59 -25.61 -1.69
C ALA A 220 2.06 -25.49 -2.12
N MET A 221 2.82 -24.69 -1.38
CA MET A 221 4.25 -24.52 -1.67
C MET A 221 5.03 -25.82 -1.50
N ALA A 222 4.67 -26.62 -0.49
CA ALA A 222 5.39 -27.86 -0.19
C ALA A 222 4.93 -29.03 -1.06
N SER A 223 3.80 -28.86 -1.75
CA SER A 223 3.21 -29.97 -2.50
C SER A 223 4.01 -30.36 -3.75
N GLY A 224 4.85 -29.47 -4.26
CA GLY A 224 5.52 -29.68 -5.54
C GLY A 224 4.70 -29.23 -6.74
N HIS A 225 3.49 -28.71 -6.52
CA HIS A 225 2.63 -28.24 -7.62
C HIS A 225 2.93 -26.81 -8.07
N VAL A 226 3.56 -26.00 -7.23
CA VAL A 226 3.88 -24.62 -7.60
C VAL A 226 5.35 -24.48 -7.97
N LYS A 227 5.60 -24.05 -9.20
CA LYS A 227 6.95 -23.86 -9.69
C LYS A 227 7.13 -22.38 -10.04
N ALA A 228 8.12 -21.75 -9.44
CA ALA A 228 8.45 -20.33 -9.68
C ALA A 228 9.52 -20.24 -10.74
N VAL A 229 9.31 -19.45 -11.80
CA VAL A 229 10.29 -19.32 -12.88
C VAL A 229 10.43 -17.86 -13.30
N ASP A 230 11.45 -17.54 -14.09
CA ASP A 230 11.50 -16.22 -14.70
C ASP A 230 10.78 -16.23 -16.05
N LEU A 231 9.60 -15.64 -16.11
CA LEU A 231 8.87 -15.54 -17.39
C LEU A 231 9.37 -14.34 -18.18
N VAL A 232 10.08 -13.42 -17.52
CA VAL A 232 10.51 -12.19 -18.20
C VAL A 232 11.52 -12.50 -19.31
N GLN A 233 12.57 -13.24 -18.99
CA GLN A 233 13.66 -13.45 -19.97
C GLN A 233 13.23 -14.12 -21.29
N PRO A 234 12.46 -15.23 -21.23
CA PRO A 234 12.07 -15.82 -22.54
C PRO A 234 11.14 -14.92 -23.38
N PHE A 235 10.30 -14.12 -22.73
CA PHE A 235 9.47 -13.14 -23.44
C PHE A 235 10.38 -12.12 -24.12
N VAL A 236 11.29 -11.55 -23.34
CA VAL A 236 12.14 -10.49 -23.83
C VAL A 236 13.08 -10.98 -24.97
N GLU A 237 13.72 -12.12 -24.75
CA GLU A 237 14.56 -12.72 -25.77
C GLU A 237 13.79 -13.04 -27.06
N GLY A 238 12.57 -13.53 -26.92
CA GLY A 238 11.71 -13.86 -28.07
C GLY A 238 11.26 -12.67 -28.91
N LEU A 239 11.36 -11.45 -28.38
CA LEU A 239 10.85 -10.29 -29.12
C LEU A 239 11.51 -10.11 -30.49
N ALA A 240 12.77 -10.54 -30.62
CA ALA A 240 13.45 -10.48 -31.93
C ALA A 240 12.75 -11.32 -33.01
N ASP A 241 11.85 -12.22 -32.60
CA ASP A 241 11.15 -13.08 -33.55
CA ASP A 241 11.12 -13.09 -33.53
C ASP A 241 9.81 -12.47 -33.98
N ILE A 242 9.51 -11.27 -33.48
CA ILE A 242 8.24 -10.60 -33.83
C ILE A 242 8.42 -9.12 -34.30
N VAL A 243 9.33 -8.40 -33.64
CA VAL A 243 9.64 -7.00 -33.96
CA VAL A 243 9.63 -7.05 -34.06
C VAL A 243 11.12 -6.93 -34.39
N ASP A 244 11.45 -6.00 -35.29
CA ASP A 244 12.83 -5.84 -35.79
C ASP A 244 13.68 -5.05 -34.78
N MET A 245 14.09 -5.73 -33.71
CA MET A 245 14.85 -5.09 -32.64
C MET A 245 16.21 -4.57 -33.10
N ALA A 246 16.82 -5.26 -34.06
CA ALA A 246 18.11 -4.82 -34.67
C ALA A 246 17.98 -3.46 -35.35
N ALA A 247 16.93 -3.29 -36.17
CA ALA A 247 16.66 -1.98 -36.79
C ALA A 247 16.45 -0.89 -35.73
N ILE A 248 15.67 -1.19 -34.70
CA ILE A 248 15.49 -0.26 -33.59
C ILE A 248 16.82 0.14 -32.96
N GLN A 249 17.65 -0.86 -32.61
CA GLN A 249 18.95 -0.55 -32.02
C GLN A 249 19.80 0.32 -32.94
N LYS A 250 19.77 0.02 -34.24
CA LYS A 250 20.61 0.70 -35.21
C LYS A 250 20.21 2.16 -35.39
N ALA A 251 18.92 2.45 -35.27
CA ALA A 251 18.39 3.80 -35.45
C ALA A 251 18.78 4.74 -34.32
N GLY A 252 19.11 4.18 -33.16
CA GLY A 252 19.55 4.95 -32.00
C GLY A 252 18.52 5.98 -31.59
N LEU A 253 17.27 5.56 -31.50
CA LEU A 253 16.17 6.44 -31.08
C LEU A 253 16.25 6.72 -29.58
N THR A 254 15.81 7.90 -29.17
CA THR A 254 15.65 8.23 -27.76
C THR A 254 14.20 7.92 -27.39
N LEU A 255 14.03 6.86 -26.63
CA LEU A 255 12.69 6.39 -26.29
C LEU A 255 12.41 6.61 -24.82
N GLY A 256 11.16 6.90 -24.51
CA GLY A 256 10.74 7.01 -23.12
C GLY A 256 9.56 6.10 -22.85
N VAL A 257 9.42 5.68 -21.60
CA VAL A 257 8.28 4.84 -21.17
CA VAL A 257 8.25 4.91 -21.20
C VAL A 257 7.71 5.34 -19.85
N ASP A 258 6.39 5.48 -19.78
CA ASP A 258 5.73 5.57 -18.47
C ASP A 258 5.05 4.21 -18.18
N PRO A 259 5.64 3.42 -17.26
CA PRO A 259 5.10 2.11 -16.95
C PRO A 259 3.78 2.16 -16.19
N LEU A 260 3.41 3.36 -15.71
CA LEU A 260 2.17 3.61 -14.95
C LEU A 260 1.96 2.58 -13.81
N GLY A 261 3.06 2.22 -13.14
CA GLY A 261 3.02 1.29 -12.00
C GLY A 261 2.43 -0.07 -12.34
N GLY A 262 2.55 -0.48 -13.60
CA GLY A 262 1.93 -1.72 -14.07
C GLY A 262 2.83 -2.94 -14.05
N SER A 263 2.31 -4.04 -14.59
CA SER A 263 2.94 -5.36 -14.45
C SER A 263 4.19 -5.55 -15.32
N GLY A 264 4.44 -4.62 -16.24
CA GLY A 264 5.54 -4.80 -17.20
C GLY A 264 6.76 -3.96 -16.90
N ILE A 265 6.81 -3.33 -15.72
CA ILE A 265 7.94 -2.47 -15.38
C ILE A 265 9.30 -3.19 -15.58
N GLU A 266 9.41 -4.42 -15.06
CA GLU A 266 10.64 -5.20 -15.22
C GLU A 266 10.88 -5.64 -16.66
N TYR A 267 9.81 -5.73 -17.44
CA TYR A 267 9.94 -6.09 -18.84
C TYR A 267 10.61 -4.94 -19.60
N TRP A 268 10.16 -3.71 -19.36
CA TRP A 268 10.78 -2.56 -20.07
C TRP A 268 12.26 -2.40 -19.72
N LYS A 269 12.60 -2.62 -18.46
CA LYS A 269 13.99 -2.55 -18.04
C LYS A 269 14.82 -3.62 -18.73
N ARG A 270 14.32 -4.86 -18.76
CA ARG A 270 15.06 -5.97 -19.38
C ARG A 270 15.22 -5.77 -20.90
N ILE A 271 14.18 -5.21 -21.52
CA ILE A 271 14.21 -4.93 -22.96
C ILE A 271 15.30 -3.91 -23.28
N ALA A 272 15.35 -2.84 -22.48
CA ALA A 272 16.35 -1.80 -22.71
C ALA A 272 17.77 -2.36 -22.54
N GLU A 273 17.95 -3.22 -21.55
CA GLU A 273 19.26 -3.84 -21.26
CA GLU A 273 19.27 -3.82 -21.28
C GLU A 273 19.64 -4.87 -22.33
N HIS A 274 18.73 -5.80 -22.61
CA HIS A 274 19.02 -6.90 -23.53
C HIS A 274 19.28 -6.40 -24.94
N TYR A 275 18.50 -5.42 -25.40
CA TYR A 275 18.62 -4.91 -26.76
C TYR A 275 19.45 -3.62 -26.90
N LYS A 276 20.01 -3.14 -25.78
CA LYS A 276 20.87 -1.96 -25.78
C LYS A 276 20.16 -0.77 -26.37
N LEU A 277 18.98 -0.46 -25.81
CA LEU A 277 18.20 0.65 -26.31
C LEU A 277 18.39 1.85 -25.40
N ASN A 278 18.35 3.05 -25.98
CA ASN A 278 18.24 4.28 -25.22
C ASN A 278 16.78 4.47 -24.78
N LEU A 279 16.41 3.77 -23.73
CA LEU A 279 15.02 3.71 -23.30
C LEU A 279 14.98 4.08 -21.84
N THR A 280 14.27 5.17 -21.53
CA THR A 280 14.22 5.74 -20.18
C THR A 280 12.82 5.57 -19.59
N LEU A 281 12.77 5.03 -18.39
CA LEU A 281 11.53 4.95 -17.62
C LEU A 281 11.37 6.25 -16.85
N VAL A 282 10.28 6.96 -17.09
CA VAL A 282 10.11 8.30 -16.53
C VAL A 282 9.76 8.26 -15.05
N ASN A 283 9.31 7.08 -14.60
CA ASN A 283 9.30 6.76 -13.17
C ASN A 283 9.14 5.25 -12.99
N ASP A 284 9.76 4.73 -11.95
CA ASP A 284 9.67 3.30 -11.71
C ASP A 284 8.85 2.95 -10.46
N GLN A 285 7.91 3.82 -10.11
CA GLN A 285 7.06 3.61 -8.92
C GLN A 285 6.15 2.41 -9.08
N VAL A 286 6.10 1.57 -8.05
CA VAL A 286 5.04 0.56 -7.92
C VAL A 286 4.37 0.85 -6.57
N ASP A 287 3.08 1.11 -6.59
CA ASP A 287 2.40 1.61 -5.39
C ASP A 287 0.97 1.17 -5.55
N GLN A 288 0.47 0.38 -4.60
CA GLN A 288 -0.89 -0.16 -4.73
C GLN A 288 -2.02 0.89 -4.56
N THR A 289 -1.64 2.09 -4.14
CA THR A 289 -2.56 3.24 -4.14
C THR A 289 -2.53 4.03 -5.46
N PHE A 290 -1.54 3.74 -6.30
CA PHE A 290 -1.33 4.45 -7.57
C PHE A 290 -1.28 5.96 -7.38
N ARG A 291 -0.67 6.40 -6.26
CA ARG A 291 -0.70 7.83 -5.87
C ARG A 291 0.04 8.76 -6.85
N PHE A 292 0.97 8.22 -7.62
CA PHE A 292 1.72 8.99 -8.62
C PHE A 292 0.87 9.38 -9.84
N MET A 293 -0.34 8.85 -9.96
CA MET A 293 -1.16 9.06 -11.15
C MET A 293 -1.75 10.47 -11.24
N HIS A 294 -1.86 10.98 -12.47
CA HIS A 294 -2.76 12.10 -12.74
C HIS A 294 -4.18 11.57 -12.88
N LEU A 295 -5.15 12.32 -12.39
CA LEU A 295 -6.54 11.87 -12.40
C LEU A 295 -7.10 11.85 -13.83
N ASP A 296 -8.01 10.91 -14.08
CA ASP A 296 -8.61 10.69 -15.41
C ASP A 296 -9.71 11.72 -15.68
N LYS A 297 -10.30 11.65 -16.88
CA LYS A 297 -11.32 12.58 -17.35
C LYS A 297 -12.42 12.83 -16.33
N ASP A 298 -12.81 11.80 -15.59
CA ASP A 298 -13.88 11.89 -14.62
C ASP A 298 -13.36 12.14 -13.19
N GLY A 299 -12.07 12.40 -13.06
CA GLY A 299 -11.48 12.69 -11.75
C GLY A 299 -11.22 11.47 -10.85
N ALA A 300 -11.27 10.27 -11.40
CA ALA A 300 -10.85 9.08 -10.65
C ALA A 300 -9.41 8.68 -11.05
N ILE A 301 -8.79 7.84 -10.23
CA ILE A 301 -7.49 7.22 -10.59
C ILE A 301 -7.74 6.00 -11.50
N ARG A 302 -7.41 6.14 -12.78
CA ARG A 302 -7.49 5.06 -13.76
C ARG A 302 -6.23 5.00 -14.60
N MET A 303 -5.66 3.81 -14.73
CA MET A 303 -4.36 3.66 -15.37
C MET A 303 -4.54 3.42 -16.88
N ASP A 304 -5.23 4.36 -17.54
CA ASP A 304 -5.64 4.23 -18.91
C ASP A 304 -4.61 4.88 -19.82
N CYS A 305 -3.85 4.02 -20.51
CA CYS A 305 -2.80 4.46 -21.42
C CYS A 305 -3.34 5.21 -22.65
N SER A 306 -4.66 5.19 -22.84
CA SER A 306 -5.26 5.90 -23.96
C SER A 306 -5.94 7.22 -23.54
N SER A 307 -5.82 7.59 -22.27
CA SER A 307 -6.43 8.84 -21.78
C SER A 307 -5.38 9.93 -21.66
N GLU A 308 -5.58 11.04 -22.37
CA GLU A 308 -4.68 12.21 -22.27
C GLU A 308 -4.53 12.71 -20.83
N CYS A 309 -5.61 12.62 -20.04
CA CYS A 309 -5.61 13.02 -18.63
C CYS A 309 -4.70 12.15 -17.77
N ALA A 310 -4.92 10.82 -17.82
CA ALA A 310 -4.06 9.87 -17.11
C ALA A 310 -2.60 9.94 -17.57
N MET A 311 -2.40 10.30 -18.85
CA MET A 311 -1.09 10.35 -19.46
C MET A 311 -0.42 11.72 -19.29
N ALA A 312 -1.04 12.63 -18.56
CA ALA A 312 -0.53 14.03 -18.45
C ALA A 312 0.97 14.11 -18.12
N GLY A 313 1.42 13.25 -17.21
CA GLY A 313 2.83 13.19 -16.82
C GLY A 313 3.77 12.90 -17.97
N LEU A 314 3.48 11.87 -18.75
CA LEU A 314 4.34 11.54 -19.89
C LEU A 314 4.22 12.60 -20.98
N LEU A 315 2.99 13.09 -21.22
CA LEU A 315 2.78 14.14 -22.23
C LEU A 315 3.57 15.42 -21.95
N ALA A 316 3.74 15.78 -20.68
CA ALA A 316 4.55 16.94 -20.30
C ALA A 316 6.01 16.77 -20.70
N LEU A 317 6.42 15.52 -20.90
CA LEU A 317 7.81 15.19 -21.26
C LEU A 317 8.00 14.84 -22.74
N ARG A 318 6.95 15.02 -23.54
CA ARG A 318 6.96 14.46 -24.90
C ARG A 318 8.06 15.00 -25.81
N ASP A 319 8.59 16.18 -25.49
CA ASP A 319 9.68 16.78 -26.29
C ASP A 319 11.04 16.15 -26.02
N LYS A 320 11.14 15.35 -24.97
CA LYS A 320 12.42 14.72 -24.61
C LYS A 320 12.73 13.46 -25.41
N PHE A 321 11.74 12.96 -26.16
CA PHE A 321 11.86 11.65 -26.79
C PHE A 321 11.43 11.70 -28.24
N ASP A 322 12.07 10.89 -29.07
CA ASP A 322 11.58 10.61 -30.42
C ASP A 322 10.20 9.97 -30.37
N LEU A 323 10.01 9.14 -29.34
CA LEU A 323 8.82 8.33 -29.22
C LEU A 323 8.72 7.93 -27.76
N ALA A 324 7.51 7.89 -27.21
CA ALA A 324 7.32 7.44 -25.85
C ALA A 324 6.11 6.50 -25.78
N PHE A 325 6.12 5.63 -24.78
CA PHE A 325 5.13 4.56 -24.64
C PHE A 325 4.54 4.53 -23.25
N ALA A 326 3.26 4.12 -23.18
CA ALA A 326 2.65 3.74 -21.90
C ALA A 326 1.76 2.55 -22.11
N ASN A 327 1.55 1.80 -21.03
CA ASN A 327 0.69 0.63 -21.04
C ASN A 327 -0.22 0.63 -19.83
N ASP A 328 -1.40 0.03 -19.96
CA ASP A 328 -2.25 -0.23 -18.80
C ASP A 328 -1.65 -1.35 -17.90
N PRO A 329 -2.22 -1.57 -16.70
CA PRO A 329 -1.49 -2.35 -15.69
C PRO A 329 -1.27 -3.81 -16.09
N ASP A 330 -2.16 -4.35 -16.92
CA ASP A 330 -2.00 -5.72 -17.42
C ASP A 330 -1.21 -5.80 -18.72
N TYR A 331 -0.86 -4.62 -19.25
CA TYR A 331 0.04 -4.50 -20.40
C TYR A 331 -0.49 -5.15 -21.66
N ASP A 332 -1.81 -5.22 -21.80
CA ASP A 332 -2.40 -5.68 -23.05
C ASP A 332 -2.84 -4.54 -23.98
N ARG A 333 -2.86 -3.32 -23.46
CA ARG A 333 -3.15 -2.14 -24.26
C ARG A 333 -1.93 -1.22 -24.36
N HIS A 334 -1.95 -0.32 -25.34
CA HIS A 334 -0.81 0.52 -25.61
C HIS A 334 -1.22 1.98 -25.83
N GLY A 335 -0.34 2.90 -25.43
CA GLY A 335 -0.48 4.33 -25.74
C GLY A 335 0.82 4.78 -26.39
N ILE A 336 0.71 5.46 -27.54
CA ILE A 336 1.89 5.90 -28.30
C ILE A 336 1.96 7.43 -28.28
N VAL A 337 3.08 7.95 -27.77
CA VAL A 337 3.29 9.38 -27.64
C VAL A 337 4.44 9.82 -28.57
N THR A 338 4.25 10.95 -29.23
CA THR A 338 5.30 11.60 -30.02
C THR A 338 5.29 13.07 -29.60
N PRO A 339 6.23 13.88 -30.12
CA PRO A 339 6.15 15.30 -29.76
C PRO A 339 4.81 15.96 -30.12
N ALA A 340 4.05 15.36 -31.04
CA ALA A 340 2.74 15.87 -31.39
C ALA A 340 1.63 15.52 -30.38
N GLY A 341 1.91 14.65 -29.41
CA GLY A 341 0.90 14.30 -28.41
C GLY A 341 0.61 12.82 -28.41
N LEU A 342 -0.52 12.43 -27.80
CA LEU A 342 -0.88 11.03 -27.69
C LEU A 342 -1.63 10.63 -28.96
N MET A 343 -1.10 9.65 -29.67
CA MET A 343 -1.72 9.24 -30.92
C MET A 343 -3.11 8.62 -30.69
N ASN A 344 -4.07 9.02 -31.52
CA ASN A 344 -5.39 8.41 -31.52
C ASN A 344 -5.28 6.90 -31.80
N PRO A 345 -5.93 6.07 -30.97
CA PRO A 345 -5.74 4.62 -31.12
C PRO A 345 -6.16 4.07 -32.50
N ASN A 346 -7.25 4.60 -33.06
CA ASN A 346 -7.67 4.19 -34.40
C ASN A 346 -6.61 4.51 -35.44
N HIS A 347 -6.00 5.69 -35.29
CA HIS A 347 -5.04 6.16 -36.28
C HIS A 347 -3.85 5.20 -36.29
N TYR A 348 -3.40 4.84 -35.09
CA TYR A 348 -2.26 3.94 -34.97
C TYR A 348 -2.52 2.53 -35.51
N LEU A 349 -3.70 1.97 -35.24
CA LEU A 349 -4.08 0.71 -35.88
C LEU A 349 -3.91 0.76 -37.40
N ALA A 350 -4.48 1.77 -38.04
CA ALA A 350 -4.36 1.91 -39.50
C ALA A 350 -2.90 1.95 -39.96
N VAL A 351 -2.07 2.72 -39.27
CA VAL A 351 -0.65 2.83 -39.58
C VAL A 351 0.05 1.47 -39.41
N ALA A 352 -0.24 0.78 -38.30
CA ALA A 352 0.39 -0.52 -37.99
C ALA A 352 0.07 -1.53 -39.07
N ILE A 353 -1.19 -1.57 -39.51
CA ILE A 353 -1.62 -2.51 -40.53
C ILE A 353 -0.93 -2.22 -41.86
N ASN A 354 -0.93 -0.93 -42.24
CA ASN A 354 -0.34 -0.50 -43.50
C ASN A 354 1.13 -0.88 -43.55
N TYR A 355 1.85 -0.66 -42.45
CA TYR A 355 3.26 -1.06 -42.35
C TYR A 355 3.43 -2.58 -42.37
N LEU A 356 2.75 -3.28 -41.48
CA LEU A 356 3.04 -4.71 -41.29
C LEU A 356 2.87 -5.50 -42.57
N PHE A 357 1.76 -5.24 -43.26
CA PHE A 357 1.46 -6.02 -44.46
C PHE A 357 2.38 -5.68 -45.65
N GLN A 358 3.17 -4.62 -45.54
CA GLN A 358 4.17 -4.33 -46.55
C GLN A 358 5.59 -4.72 -46.12
N HIS A 359 5.75 -5.12 -44.86
CA HIS A 359 7.07 -5.36 -44.27
C HIS A 359 7.18 -6.72 -43.58
N ARG A 360 6.34 -7.66 -44.00
CA ARG A 360 6.36 -9.01 -43.42
C ARG A 360 6.29 -10.03 -44.57
N PRO A 361 7.40 -10.22 -45.30
CA PRO A 361 7.39 -11.03 -46.52
C PRO A 361 7.03 -12.50 -46.29
N LEU A 362 7.23 -13.02 -45.08
CA LEU A 362 6.96 -14.42 -44.84
C LEU A 362 5.48 -14.74 -44.64
N TRP A 363 4.66 -13.72 -44.41
CA TRP A 363 3.22 -13.93 -44.19
C TRP A 363 2.56 -14.32 -45.52
N GLY A 364 1.77 -15.39 -45.50
CA GLY A 364 1.16 -15.86 -46.75
C GLY A 364 0.14 -14.89 -47.33
N LYS A 365 -0.18 -15.13 -48.61
CA LYS A 365 -1.10 -14.29 -49.36
C LYS A 365 -2.51 -14.31 -48.78
N ASP A 366 -2.83 -15.39 -48.10
CA ASP A 366 -4.14 -15.66 -47.50
CA ASP A 366 -4.17 -15.56 -47.55
C ASP A 366 -4.34 -14.92 -46.17
N VAL A 367 -3.25 -14.48 -45.54
CA VAL A 367 -3.29 -13.89 -44.22
C VAL A 367 -4.11 -12.59 -44.16
N ALA A 368 -5.10 -12.57 -43.25
CA ALA A 368 -6.12 -11.53 -43.25
C ALA A 368 -5.95 -10.52 -42.11
N VAL A 369 -6.83 -9.52 -42.12
CA VAL A 369 -6.79 -8.44 -41.14
C VAL A 369 -8.10 -8.44 -40.35
N GLY A 370 -8.00 -8.63 -39.03
CA GLY A 370 -9.19 -8.57 -38.17
C GLY A 370 -9.39 -7.18 -37.60
N LYS A 371 -10.64 -6.72 -37.62
CA LYS A 371 -10.98 -5.40 -37.13
C LYS A 371 -12.35 -5.50 -36.42
N THR A 372 -12.51 -4.85 -35.27
CA THR A 372 -13.85 -4.78 -34.65
C THR A 372 -14.68 -3.80 -35.46
N LEU A 373 -15.97 -4.03 -35.57
CA LEU A 373 -16.70 -3.22 -36.55
C LEU A 373 -16.97 -1.78 -36.09
N VAL A 374 -16.58 -1.42 -34.87
CA VAL A 374 -16.67 -0.01 -34.42
C VAL A 374 -15.32 0.71 -34.57
N SER A 375 -14.32 0.02 -35.09
CA SER A 375 -13.04 0.63 -35.39
C SER A 375 -13.14 1.48 -36.64
N SER A 376 -12.14 2.34 -36.85
CA SER A 376 -12.20 3.28 -37.98
C SER A 376 -12.29 2.59 -39.34
N ALA A 377 -13.09 3.15 -40.24
CA ALA A 377 -13.10 2.71 -41.63
C ALA A 377 -11.84 3.09 -42.40
N MET A 378 -10.93 3.84 -41.78
CA MET A 378 -9.60 4.03 -42.38
C MET A 378 -8.91 2.67 -42.52
N ILE A 379 -9.20 1.75 -41.59
CA ILE A 379 -8.67 0.39 -41.69
C ILE A 379 -9.18 -0.31 -42.95
N ASP A 380 -10.49 -0.22 -43.22
CA ASP A 380 -11.07 -0.82 -44.44
C ASP A 380 -10.33 -0.36 -45.69
N ARG A 381 -10.10 0.95 -45.77
CA ARG A 381 -9.47 1.57 -46.95
C ARG A 381 -8.03 1.11 -47.12
N VAL A 382 -7.27 1.09 -46.02
CA VAL A 382 -5.89 0.56 -46.05
C VAL A 382 -5.84 -0.91 -46.51
N VAL A 383 -6.70 -1.74 -45.91
CA VAL A 383 -6.71 -3.18 -46.19
C VAL A 383 -7.14 -3.43 -47.64
N ASN A 384 -8.15 -2.68 -48.11
CA ASN A 384 -8.57 -2.73 -49.51
C ASN A 384 -7.42 -2.36 -50.46
N ASP A 385 -6.69 -1.30 -50.13
CA ASP A 385 -5.57 -0.84 -50.95
C ASP A 385 -4.45 -1.88 -51.03
N LEU A 386 -4.24 -2.61 -49.94
CA LEU A 386 -3.21 -3.65 -49.90
C LEU A 386 -3.65 -4.94 -50.59
N GLY A 387 -4.93 -5.02 -50.97
CA GLY A 387 -5.50 -6.24 -51.55
C GLY A 387 -5.65 -7.39 -50.56
N ARG A 388 -5.78 -7.06 -49.28
CA ARG A 388 -5.95 -8.09 -48.24
C ARG A 388 -7.41 -8.30 -47.88
N LYS A 389 -7.68 -9.39 -47.17
CA LYS A 389 -9.02 -9.69 -46.72
C LYS A 389 -9.30 -9.00 -45.39
N LEU A 390 -10.40 -8.24 -45.32
CA LEU A 390 -10.80 -7.60 -44.05
C LEU A 390 -11.86 -8.46 -43.39
N VAL A 391 -11.65 -8.80 -42.12
CA VAL A 391 -12.61 -9.58 -41.38
C VAL A 391 -13.14 -8.74 -40.22
N GLU A 392 -14.35 -8.20 -40.40
CA GLU A 392 -15.00 -7.37 -39.38
C GLU A 392 -15.76 -8.24 -38.39
N VAL A 393 -15.44 -8.05 -37.11
CA VAL A 393 -16.03 -8.85 -36.03
C VAL A 393 -16.73 -7.91 -35.01
N PRO A 394 -17.57 -8.46 -34.11
CA PRO A 394 -18.16 -7.60 -33.07
C PRO A 394 -17.11 -7.12 -32.09
N VAL A 395 -17.52 -6.23 -31.18
CA VAL A 395 -16.64 -5.80 -30.10
C VAL A 395 -16.18 -7.04 -29.34
N GLY A 396 -14.92 -7.06 -28.95
CA GLY A 396 -14.39 -8.17 -28.19
C GLY A 396 -13.24 -8.87 -28.89
N PHE A 397 -12.07 -8.85 -28.26
CA PHE A 397 -10.85 -9.44 -28.83
C PHE A 397 -10.93 -10.97 -28.97
N LYS A 398 -11.79 -11.60 -28.19
CA LYS A 398 -11.99 -13.06 -28.26
C LYS A 398 -12.30 -13.52 -29.69
N TRP A 399 -12.88 -12.62 -30.51
CA TRP A 399 -13.22 -12.96 -31.90
C TRP A 399 -12.00 -13.12 -32.83
N PHE A 400 -10.82 -12.73 -32.35
CA PHE A 400 -9.59 -12.83 -33.15
C PHE A 400 -8.73 -14.04 -32.75
N VAL A 401 -9.07 -14.66 -31.63
CA VAL A 401 -8.14 -15.66 -31.05
C VAL A 401 -7.89 -16.83 -32.01
N ASP A 402 -8.96 -17.42 -32.54
CA ASP A 402 -8.84 -18.57 -33.42
C ASP A 402 -8.00 -18.28 -34.65
N GLY A 403 -8.24 -17.11 -35.25
CA GLY A 403 -7.50 -16.67 -36.43
C GLY A 403 -6.04 -16.40 -36.15
N LEU A 404 -5.73 -15.72 -35.04
CA LEU A 404 -4.33 -15.49 -34.68
C LEU A 404 -3.65 -16.81 -34.37
N PHE A 405 -4.36 -17.70 -33.67
CA PHE A 405 -3.82 -19.01 -33.31
C PHE A 405 -3.39 -19.85 -34.52
N ASP A 406 -4.24 -19.95 -35.53
CA ASP A 406 -3.90 -20.74 -36.72
C ASP A 406 -3.18 -19.96 -37.82
N GLY A 407 -2.88 -18.69 -37.57
CA GLY A 407 -2.15 -17.85 -38.51
C GLY A 407 -2.96 -17.30 -39.68
N SER A 408 -4.28 -17.47 -39.65
CA SER A 408 -5.12 -16.93 -40.73
C SER A 408 -5.39 -15.43 -40.57
N PHE A 409 -5.26 -14.90 -39.34
CA PHE A 409 -5.20 -13.44 -39.09
C PHE A 409 -3.77 -13.01 -38.84
N GLY A 410 -3.29 -12.02 -39.59
CA GLY A 410 -1.96 -11.46 -39.34
C GLY A 410 -1.99 -10.42 -38.23
N PHE A 411 -3.15 -9.83 -38.04
CA PHE A 411 -3.31 -8.71 -37.12
C PHE A 411 -4.78 -8.70 -36.65
N GLY A 412 -4.99 -8.38 -35.38
CA GLY A 412 -6.34 -8.17 -34.83
C GLY A 412 -6.25 -6.92 -33.99
N GLY A 413 -7.14 -5.97 -34.22
CA GLY A 413 -7.13 -4.70 -33.49
C GLY A 413 -8.51 -4.22 -33.06
N GLU A 414 -8.55 -3.53 -31.92
CA GLU A 414 -9.76 -2.88 -31.40
C GLU A 414 -9.49 -1.39 -31.18
N GLU A 415 -10.50 -0.55 -31.43
CA GLU A 415 -10.35 0.91 -31.26
C GLU A 415 -10.05 1.32 -29.82
N SER A 416 -10.27 0.40 -28.87
CA SER A 416 -9.93 0.66 -27.48
C SER A 416 -8.43 0.45 -27.17
N ALA A 417 -7.57 0.64 -28.17
CA ALA A 417 -6.10 0.58 -28.01
C ALA A 417 -5.54 -0.81 -27.67
N GLY A 418 -6.11 -1.87 -28.24
CA GLY A 418 -5.59 -3.21 -28.02
C GLY A 418 -5.40 -3.92 -29.35
N ALA A 419 -4.25 -4.55 -29.54
CA ALA A 419 -4.00 -5.28 -30.79
C ALA A 419 -2.97 -6.38 -30.58
N SER A 420 -2.89 -7.30 -31.53
CA SER A 420 -1.80 -8.26 -31.57
C SER A 420 -1.55 -8.62 -33.03
N PHE A 421 -0.36 -9.17 -33.29
CA PHE A 421 -0.02 -9.59 -34.65
C PHE A 421 0.93 -10.79 -34.57
N LEU A 422 1.13 -11.45 -35.71
CA LEU A 422 1.95 -12.65 -35.78
C LEU A 422 3.45 -12.38 -35.70
N ARG A 423 4.19 -13.42 -35.33
CA ARG A 423 5.66 -13.42 -35.46
C ARG A 423 6.06 -13.25 -36.94
N PHE A 424 7.33 -13.00 -37.20
CA PHE A 424 7.81 -12.82 -38.58
C PHE A 424 7.38 -13.99 -39.47
N ASP A 425 7.52 -15.21 -38.94
CA ASP A 425 7.25 -16.42 -39.73
C ASP A 425 5.75 -16.79 -39.89
N GLY A 426 4.85 -16.00 -39.30
CA GLY A 426 3.40 -16.17 -39.50
C GLY A 426 2.74 -17.12 -38.51
N THR A 427 3.42 -17.38 -37.40
CA THR A 427 2.85 -18.13 -36.28
C THR A 427 2.60 -17.16 -35.10
N PRO A 428 1.71 -17.53 -34.16
CA PRO A 428 1.30 -16.54 -33.16
C PRO A 428 2.37 -16.27 -32.07
N TRP A 429 2.37 -15.04 -31.57
CA TRP A 429 3.22 -14.60 -30.46
C TRP A 429 2.36 -14.55 -29.17
N SER A 430 1.21 -13.89 -29.30
CA SER A 430 0.23 -13.75 -28.24
C SER A 430 -1.11 -13.72 -28.93
N THR A 431 -2.04 -14.53 -28.44
CA THR A 431 -3.39 -14.54 -28.95
C THR A 431 -4.31 -13.66 -28.10
N ASP A 432 -3.77 -13.11 -27.01
CA ASP A 432 -4.43 -12.01 -26.32
C ASP A 432 -3.81 -10.71 -26.86
N LYS A 433 -4.41 -9.57 -26.55
CA LYS A 433 -3.83 -8.27 -26.91
C LYS A 433 -2.49 -8.10 -26.20
N ASP A 434 -1.55 -7.44 -26.88
CA ASP A 434 -0.17 -7.34 -26.36
C ASP A 434 0.30 -5.89 -26.53
N GLY A 435 0.43 -5.18 -25.41
CA GLY A 435 0.76 -3.76 -25.46
C GLY A 435 2.24 -3.53 -25.74
N ILE A 436 3.07 -4.50 -25.38
CA ILE A 436 4.52 -4.39 -25.53
C ILE A 436 4.94 -4.47 -26.98
N ILE A 437 4.45 -5.49 -27.70
CA ILE A 437 4.76 -5.57 -29.12
C ILE A 437 4.23 -4.37 -29.92
N MET A 438 3.08 -3.82 -29.52
CA MET A 438 2.49 -2.69 -30.23
C MET A 438 3.32 -1.42 -30.03
N CYS A 439 3.88 -1.25 -28.84
CA CYS A 439 4.78 -0.14 -28.58
C CYS A 439 6.08 -0.30 -29.36
N LEU A 440 6.66 -1.51 -29.30
CA LEU A 440 7.92 -1.75 -30.00
C LEU A 440 7.75 -1.62 -31.53
N LEU A 441 6.58 -2.03 -32.02
CA LEU A 441 6.26 -1.85 -33.44
C LEU A 441 6.35 -0.38 -33.88
N ALA A 442 5.83 0.52 -33.03
CA ALA A 442 5.96 1.96 -33.31
C ALA A 442 7.44 2.36 -33.46
N ALA A 443 8.34 1.80 -32.64
CA ALA A 443 9.78 2.09 -32.80
C ALA A 443 10.35 1.48 -34.07
N GLU A 444 9.98 0.23 -34.37
CA GLU A 444 10.35 -0.40 -35.65
C GLU A 444 9.97 0.46 -36.87
N ILE A 445 8.71 0.88 -36.92
CA ILE A 445 8.22 1.71 -38.03
C ILE A 445 9.09 2.97 -38.17
N THR A 446 9.37 3.63 -37.05
CA THR A 446 10.17 4.85 -37.07
C THR A 446 11.59 4.56 -37.56
N ALA A 447 12.16 3.47 -37.06
CA ALA A 447 13.54 3.07 -37.39
C ALA A 447 13.68 2.62 -38.83
N VAL A 448 12.74 1.81 -39.30
CA VAL A 448 12.79 1.26 -40.66
C VAL A 448 12.43 2.31 -41.75
N THR A 449 11.40 3.12 -41.50
CA THR A 449 10.90 4.02 -42.55
C THR A 449 11.47 5.43 -42.44
N GLY A 450 12.08 5.76 -41.30
CA GLY A 450 12.49 7.14 -41.01
C GLY A 450 11.36 8.13 -40.68
N LYS A 451 10.12 7.64 -40.58
CA LYS A 451 8.98 8.48 -40.20
C LYS A 451 8.24 7.84 -39.03
N ASN A 452 7.90 8.62 -38.02
CA ASN A 452 7.17 8.05 -36.90
C ASN A 452 5.71 7.73 -37.28
N PRO A 453 4.98 6.97 -36.44
CA PRO A 453 3.63 6.54 -36.83
C PRO A 453 2.64 7.68 -37.10
N GLN A 454 2.77 8.77 -36.34
CA GLN A 454 1.91 9.94 -36.54
CA GLN A 454 1.97 9.98 -36.51
C GLN A 454 2.16 10.55 -37.93
N GLU A 455 3.41 10.59 -38.38
CA GLU A 455 3.71 11.07 -39.73
C GLU A 455 3.14 10.16 -40.81
N HIS A 456 3.22 8.85 -40.59
CA HIS A 456 2.59 7.89 -41.49
C HIS A 456 1.08 8.12 -41.61
N TYR A 457 0.42 8.43 -40.50
CA TYR A 457 -1.03 8.65 -40.55
C TYR A 457 -1.41 9.82 -41.46
N ASN A 458 -0.59 10.87 -41.45
CA ASN A 458 -0.84 11.99 -42.36
C ASN A 458 -0.83 11.59 -43.84
N GLU A 459 0.08 10.70 -44.21
CA GLU A 459 0.12 10.14 -45.57
C GLU A 459 -1.15 9.33 -45.86
N LEU A 460 -1.62 8.56 -44.88
CA LEU A 460 -2.85 7.81 -45.06
C LEU A 460 -4.04 8.73 -45.28
N ALA A 461 -4.15 9.75 -44.43
CA ALA A 461 -5.22 10.70 -44.57
C ALA A 461 -5.21 11.36 -45.96
N ALA A 462 -4.02 11.57 -46.52
CA ALA A 462 -3.88 12.14 -47.87
C ALA A 462 -4.37 11.19 -48.96
N ARG A 463 -4.13 9.90 -48.79
CA ARG A 463 -4.55 8.91 -49.77
C ARG A 463 -6.03 8.61 -49.67
N PHE A 464 -6.57 8.64 -48.44
CA PHE A 464 -7.94 8.14 -48.20
C PHE A 464 -8.95 9.14 -47.67
N GLY A 465 -8.51 10.34 -47.31
CA GLY A 465 -9.38 11.30 -46.64
C GLY A 465 -9.11 11.25 -45.14
N ALA A 466 -9.41 12.34 -44.46
CA ALA A 466 -9.14 12.46 -43.03
C ALA A 466 -10.42 12.30 -42.22
N PRO A 467 -10.68 11.09 -41.71
CA PRO A 467 -11.94 10.83 -41.03
C PRO A 467 -12.05 11.53 -39.67
N SER A 468 -13.29 11.82 -39.28
CA SER A 468 -13.60 12.39 -37.99
C SER A 468 -14.47 11.38 -37.25
N TYR A 469 -14.02 10.97 -36.07
CA TYR A 469 -14.63 9.83 -35.35
C TYR A 469 -15.03 10.28 -33.96
N ASN A 470 -16.19 9.83 -33.46
CA ASN A 470 -16.61 10.20 -32.12
C ASN A 470 -17.48 9.12 -31.51
N ARG A 471 -17.55 9.10 -30.19
CA ARG A 471 -18.42 8.18 -29.48
C ARG A 471 -19.37 9.00 -28.61
N LEU A 472 -20.65 8.64 -28.65
CA LEU A 472 -21.68 9.29 -27.83
C LEU A 472 -22.24 8.29 -26.84
N GLN A 473 -22.82 8.79 -25.76
CA GLN A 473 -23.56 7.94 -24.83
C GLN A 473 -24.80 8.67 -24.29
N ALA A 474 -25.80 7.90 -23.88
CA ALA A 474 -26.89 8.45 -23.07
C ALA A 474 -27.67 7.30 -22.43
N SER A 475 -28.62 7.64 -21.55
CA SER A 475 -29.50 6.65 -20.93
C SER A 475 -30.55 6.08 -21.89
N ALA A 476 -31.00 4.86 -21.60
CA ALA A 476 -32.11 4.24 -22.30
C ALA A 476 -32.78 3.32 -21.29
N THR A 477 -34.07 3.04 -21.44
CA THR A 477 -34.73 2.03 -20.60
C THR A 477 -34.16 0.63 -20.92
N SER A 478 -34.30 -0.30 -19.97
CA SER A 478 -33.83 -1.70 -20.19
C SER A 478 -34.57 -2.40 -21.32
N ALA A 479 -35.86 -2.13 -21.45
CA ALA A 479 -36.65 -2.61 -22.59
C ALA A 479 -36.09 -2.06 -23.91
N GLN A 480 -35.74 -0.78 -23.93
CA GLN A 480 -35.08 -0.19 -25.09
C GLN A 480 -33.69 -0.79 -25.29
N LYS A 481 -32.97 -0.94 -24.17
CA LYS A 481 -31.65 -1.55 -24.14
C LYS A 481 -31.69 -3.01 -24.66
N ALA A 482 -32.72 -3.75 -24.25
CA ALA A 482 -32.98 -5.09 -24.77
C ALA A 482 -33.39 -5.05 -26.24
N ALA A 483 -34.32 -4.15 -26.58
CA ALA A 483 -34.80 -4.01 -27.96
C ALA A 483 -33.70 -3.61 -28.94
N LEU A 484 -32.73 -2.83 -28.46
CA LEU A 484 -31.58 -2.43 -29.28
C LEU A 484 -30.77 -3.64 -29.76
N SER A 485 -30.66 -4.65 -28.90
CA SER A 485 -29.91 -5.86 -29.19
C SER A 485 -30.52 -6.70 -30.31
N LYS A 486 -31.85 -6.68 -30.43
CA LYS A 486 -32.57 -7.57 -31.36
C LYS A 486 -33.33 -6.85 -32.50
N LEU A 487 -32.70 -5.86 -33.10
CA LEU A 487 -33.26 -5.11 -34.25
C LEU A 487 -33.03 -5.85 -35.57
N SER A 488 -33.80 -5.47 -36.60
CA SER A 488 -33.53 -5.92 -37.98
C SER A 488 -33.03 -4.74 -38.85
N PRO A 489 -32.27 -5.05 -39.91
CA PRO A 489 -31.82 -4.07 -40.90
C PRO A 489 -32.98 -3.32 -41.60
N GLU A 490 -33.85 -4.08 -42.27
CA GLU A 490 -35.01 -3.52 -42.95
C GLU A 490 -35.79 -2.56 -42.04
N MET A 491 -35.63 -2.74 -40.73
CA MET A 491 -36.36 -1.95 -39.73
C MET A 491 -35.89 -0.49 -39.63
N VAL A 492 -34.75 -0.17 -40.24
CA VAL A 492 -34.31 1.23 -40.39
C VAL A 492 -34.82 1.77 -41.72
N SER A 493 -35.99 2.42 -41.67
CA SER A 493 -36.68 2.88 -42.88
C SER A 493 -35.98 4.04 -43.59
N ALA A 494 -35.27 4.88 -42.86
CA ALA A 494 -34.46 5.96 -43.46
C ALA A 494 -33.58 5.38 -44.55
N SER A 495 -33.47 6.09 -45.66
CA SER A 495 -32.69 5.60 -46.80
C SER A 495 -31.41 6.41 -46.98
N THR A 496 -31.32 7.51 -46.25
CA THR A 496 -30.20 8.42 -46.36
C THR A 496 -29.58 8.67 -44.98
N LEU A 497 -28.26 8.68 -44.91
CA LEU A 497 -27.55 9.12 -43.70
C LEU A 497 -26.66 10.34 -43.98
N ALA A 498 -27.04 11.48 -43.42
CA ALA A 498 -26.31 12.75 -43.59
C ALA A 498 -25.97 13.06 -45.06
N GLY A 499 -26.99 13.14 -45.89
CA GLY A 499 -26.83 13.58 -47.27
C GLY A 499 -26.58 12.46 -48.26
N ASP A 500 -26.06 11.34 -47.78
CA ASP A 500 -25.69 10.24 -48.65
C ASP A 500 -26.59 9.02 -48.50
N PRO A 501 -26.82 8.28 -49.60
CA PRO A 501 -27.50 6.99 -49.63
C PRO A 501 -26.95 5.99 -48.62
N ILE A 502 -27.85 5.35 -47.87
CA ILE A 502 -27.46 4.25 -46.99
C ILE A 502 -27.07 3.04 -47.84
N THR A 503 -25.85 2.56 -47.66
CA THR A 503 -25.33 1.48 -48.48
C THR A 503 -25.41 0.12 -47.76
N ALA A 504 -25.55 0.13 -46.43
CA ALA A 504 -25.69 -1.11 -45.65
C ALA A 504 -26.34 -0.87 -44.30
N ARG A 505 -27.10 -1.86 -43.85
CA ARG A 505 -27.75 -1.86 -42.53
C ARG A 505 -27.48 -3.22 -41.89
N LEU A 506 -26.65 -3.24 -40.85
CA LEU A 506 -26.15 -4.51 -40.30
C LEU A 506 -26.57 -4.76 -38.86
N THR A 507 -26.95 -6.00 -38.60
CA THR A 507 -27.28 -6.50 -37.28
C THR A 507 -26.26 -7.58 -36.88
N ALA A 508 -25.46 -8.00 -37.85
CA ALA A 508 -24.41 -9.01 -37.61
C ALA A 508 -23.08 -8.57 -38.22
N ALA A 509 -21.98 -9.05 -37.64
CA ALA A 509 -20.66 -8.75 -38.18
C ALA A 509 -20.47 -9.45 -39.53
N PRO A 510 -20.07 -8.68 -40.57
CA PRO A 510 -19.82 -9.21 -41.93
C PRO A 510 -18.75 -10.31 -41.96
N GLY A 511 -17.68 -10.14 -41.15
CA GLY A 511 -16.56 -11.08 -41.18
C GLY A 511 -16.82 -12.47 -40.61
N ASN A 512 -17.65 -12.58 -39.57
CA ASN A 512 -17.85 -13.90 -38.93
C ASN A 512 -19.30 -14.25 -38.64
N GLY A 513 -20.20 -13.31 -38.92
CA GLY A 513 -21.64 -13.53 -38.78
C GLY A 513 -22.18 -13.41 -37.37
N ALA A 514 -21.30 -13.12 -36.40
CA ALA A 514 -21.71 -13.02 -35.02
C ALA A 514 -22.53 -11.75 -34.82
N SER A 515 -23.51 -11.83 -33.93
CA SER A 515 -24.39 -10.72 -33.70
C SER A 515 -23.59 -9.60 -33.03
N ILE A 516 -23.82 -8.38 -33.48
CA ILE A 516 -23.11 -7.25 -32.90
C ILE A 516 -23.81 -6.74 -31.64
N GLY A 517 -25.05 -7.16 -31.45
CA GLY A 517 -25.85 -6.77 -30.29
C GLY A 517 -26.27 -5.33 -30.44
N GLY A 518 -26.55 -4.94 -31.68
CA GLY A 518 -26.95 -3.58 -31.99
C GLY A 518 -27.09 -3.42 -33.50
N LEU A 519 -26.67 -2.26 -33.99
CA LEU A 519 -26.94 -1.90 -35.38
C LEU A 519 -25.79 -1.06 -35.91
N LYS A 520 -25.38 -1.33 -37.14
CA LYS A 520 -24.44 -0.47 -37.85
C LYS A 520 -25.05 -0.08 -39.19
N VAL A 521 -25.01 1.22 -39.48
CA VAL A 521 -25.56 1.79 -40.71
C VAL A 521 -24.45 2.53 -41.43
N MET A 522 -24.28 2.21 -42.71
CA MET A 522 -23.16 2.73 -43.50
C MET A 522 -23.60 3.49 -44.75
N THR A 523 -22.76 4.44 -45.17
CA THR A 523 -22.86 5.09 -46.48
C THR A 523 -21.46 5.10 -47.09
N ASP A 524 -21.33 5.60 -48.32
CA ASP A 524 -20.02 5.81 -48.94
C ASP A 524 -19.08 6.72 -48.13
N ASN A 525 -19.64 7.69 -47.42
CA ASN A 525 -18.83 8.69 -46.70
C ASN A 525 -18.75 8.56 -45.16
N GLY A 526 -19.53 7.67 -44.57
CA GLY A 526 -19.51 7.52 -43.11
C GLY A 526 -20.41 6.42 -42.60
N TRP A 527 -20.47 6.28 -41.29
CA TRP A 527 -21.25 5.22 -40.67
C TRP A 527 -21.54 5.59 -39.21
N PHE A 528 -22.49 4.88 -38.61
CA PHE A 528 -22.63 4.87 -37.16
C PHE A 528 -22.97 3.46 -36.72
N ALA A 529 -22.64 3.16 -35.47
CA ALA A 529 -23.06 1.90 -34.86
C ALA A 529 -23.55 2.21 -33.47
N ALA A 530 -24.58 1.49 -33.05
CA ALA A 530 -25.19 1.69 -31.76
C ALA A 530 -25.28 0.35 -31.02
N ARG A 531 -24.95 0.34 -29.73
CA ARG A 531 -25.02 -0.88 -28.93
C ARG A 531 -25.18 -0.55 -27.46
N PRO A 532 -25.86 -1.44 -26.70
CA PRO A 532 -26.09 -1.16 -25.29
C PRO A 532 -24.77 -1.16 -24.54
N SER A 533 -24.70 -0.38 -23.48
CA SER A 533 -23.56 -0.45 -22.59
C SER A 533 -23.63 -1.78 -21.84
N GLY A 534 -22.46 -2.37 -21.61
CA GLY A 534 -22.37 -3.59 -20.81
C GLY A 534 -22.66 -3.35 -19.34
N THR A 535 -22.23 -2.20 -18.83
CA THR A 535 -22.26 -1.91 -17.39
C THR A 535 -23.46 -1.05 -16.96
N GLU A 536 -23.62 0.11 -17.60
CA GLU A 536 -24.61 1.10 -17.17
C GLU A 536 -25.94 0.99 -17.93
N ASP A 537 -26.94 1.75 -17.47
CA ASP A 537 -28.24 1.84 -18.13
C ASP A 537 -28.17 2.87 -19.25
N ALA A 538 -27.39 2.51 -20.27
CA ALA A 538 -26.96 3.42 -21.31
C ALA A 538 -26.79 2.68 -22.62
N TYR A 539 -26.75 3.44 -23.71
CA TYR A 539 -26.39 2.93 -25.01
C TYR A 539 -25.25 3.82 -25.55
N LYS A 540 -24.41 3.24 -26.40
CA LYS A 540 -23.31 3.96 -27.00
C LYS A 540 -23.49 4.04 -28.52
N ILE A 541 -23.14 5.18 -29.08
CA ILE A 541 -23.12 5.34 -30.53
C ILE A 541 -21.72 5.73 -30.98
N TYR A 542 -21.21 4.99 -31.94
CA TYR A 542 -19.91 5.26 -32.55
C TYR A 542 -20.22 5.84 -33.91
N CYS A 543 -19.59 6.96 -34.25
CA CYS A 543 -19.86 7.66 -35.54
CA CYS A 543 -19.81 7.48 -35.60
C CYS A 543 -18.56 8.07 -36.20
N GLU A 544 -18.50 7.97 -37.53
CA GLU A 544 -17.33 8.43 -38.24
C GLU A 544 -17.73 8.97 -39.61
N SER A 545 -17.10 10.07 -40.00
CA SER A 545 -17.29 10.62 -41.33
C SER A 545 -15.94 10.84 -41.99
N PHE A 546 -15.86 10.52 -43.27
CA PHE A 546 -14.68 10.89 -44.05
C PHE A 546 -14.75 12.30 -44.62
N LEU A 547 -15.91 12.95 -44.46
CA LEU A 547 -16.11 14.32 -44.96
C LEU A 547 -15.81 15.40 -43.93
N GLY A 548 -15.52 15.00 -42.70
CA GLY A 548 -15.12 15.97 -41.68
C GLY A 548 -16.05 16.05 -40.48
N GLU A 549 -15.69 16.92 -39.54
CA GLU A 549 -16.41 17.12 -38.27
C GLU A 549 -17.86 17.61 -38.43
N GLU A 550 -18.07 18.62 -39.27
CA GLU A 550 -19.45 19.10 -39.50
C GLU A 550 -20.34 17.96 -39.98
N HIS A 551 -19.86 17.21 -40.97
CA HIS A 551 -20.58 16.05 -41.48
C HIS A 551 -20.76 14.95 -40.43
N ARG A 552 -19.72 14.70 -39.65
CA ARG A 552 -19.83 13.73 -38.56
C ARG A 552 -20.96 14.12 -37.59
N LYS A 553 -21.06 15.40 -37.25
CA LYS A 553 -22.10 15.86 -36.32
C LYS A 553 -23.51 15.66 -36.89
N GLN A 554 -23.64 15.76 -38.21
CA GLN A 554 -24.89 15.43 -38.89
C GLN A 554 -25.21 13.94 -38.79
N ILE A 555 -24.20 13.10 -38.97
CA ILE A 555 -24.36 11.67 -38.72
C ILE A 555 -24.83 11.41 -37.29
N GLU A 556 -24.20 12.07 -36.32
CA GLU A 556 -24.57 11.96 -34.90
C GLU A 556 -26.04 12.25 -34.70
N LYS A 557 -26.49 13.41 -35.20
CA LYS A 557 -27.88 13.86 -35.04
C LYS A 557 -28.82 12.79 -35.61
N GLU A 558 -28.51 12.31 -36.82
CA GLU A 558 -29.39 11.35 -37.51
C GLU A 558 -29.35 9.98 -36.86
N ALA A 559 -28.18 9.61 -36.32
CA ALA A 559 -28.02 8.35 -35.57
C ALA A 559 -28.91 8.33 -34.34
N VAL A 560 -28.87 9.42 -33.56
CA VAL A 560 -29.70 9.55 -32.38
C VAL A 560 -31.20 9.49 -32.79
N GLU A 561 -31.54 10.09 -33.92
CA GLU A 561 -32.93 10.09 -34.42
C GLU A 561 -33.38 8.69 -34.91
N ILE A 562 -32.53 8.02 -35.68
CA ILE A 562 -32.77 6.63 -36.13
C ILE A 562 -32.92 5.70 -34.94
N VAL A 563 -31.97 5.75 -34.01
CA VAL A 563 -32.00 4.96 -32.78
C VAL A 563 -33.32 5.19 -32.01
N SER A 564 -33.66 6.46 -31.77
CA SER A 564 -34.92 6.82 -31.11
C SER A 564 -36.15 6.27 -31.84
N GLU A 565 -36.13 6.41 -33.17
CA GLU A 565 -37.20 5.95 -34.05
C GLU A 565 -37.39 4.43 -33.97
N VAL A 566 -36.31 3.67 -34.09
CA VAL A 566 -36.40 2.20 -34.04
C VAL A 566 -36.70 1.64 -32.63
N LEU A 567 -36.46 2.45 -31.59
CA LEU A 567 -36.68 2.05 -30.19
C LEU A 567 -37.92 2.66 -29.54
N LYS A 568 -39.09 2.45 -30.14
CA LYS A 568 -40.41 2.82 -29.56
C LYS A 568 -40.34 3.86 -28.44
N ILE B 27 25.52 4.61 10.38
CA ILE B 27 26.34 3.38 10.34
C ILE B 27 26.32 2.74 8.96
N HIS B 28 25.16 2.22 8.55
CA HIS B 28 25.00 1.54 7.25
C HIS B 28 25.30 2.46 6.05
N ASN B 29 25.76 1.86 4.94
CA ASN B 29 26.06 2.58 3.70
C ASN B 29 24.97 3.55 3.26
N ARG B 30 23.72 3.13 3.39
CA ARG B 30 22.61 3.94 2.86
C ARG B 30 21.82 4.67 3.94
N ALA B 31 22.42 4.80 5.12
CA ALA B 31 21.83 5.56 6.20
C ALA B 31 21.52 6.99 5.73
N GLY B 32 20.33 7.46 6.06
CA GLY B 32 19.91 8.82 5.67
C GLY B 32 19.60 9.03 4.19
N GLN B 33 19.68 7.97 3.38
CA GLN B 33 19.30 8.08 1.98
C GLN B 33 17.77 7.93 1.80
N PRO B 34 17.19 8.61 0.78
CA PRO B 34 15.77 8.38 0.47
C PRO B 34 15.51 6.90 0.18
N ALA B 35 14.43 6.34 0.74
CA ALA B 35 14.07 4.95 0.47
C ALA B 35 13.83 4.80 -1.03
N GLN B 36 14.16 3.63 -1.55
CA GLN B 36 14.01 3.33 -2.95
C GLN B 36 12.95 2.24 -3.11
N GLN B 37 12.47 2.07 -4.34
CA GLN B 37 11.44 1.08 -4.64
C GLN B 37 11.80 -0.32 -4.12
N SER B 38 13.06 -0.74 -4.31
CA SER B 38 13.53 -2.03 -3.81
C SER B 38 13.47 -2.17 -2.28
N ASP B 39 13.37 -1.05 -1.56
CA ASP B 39 13.32 -1.05 -0.11
C ASP B 39 11.92 -1.35 0.45
N LEU B 40 10.92 -1.44 -0.43
CA LEU B 40 9.53 -1.38 0.02
C LEU B 40 8.82 -2.73 0.14
N ILE B 41 7.89 -2.81 1.08
CA ILE B 41 7.06 -4.01 1.22
C ILE B 41 5.93 -4.01 0.17
N ASN B 42 5.43 -5.21 -0.12
CA ASN B 42 4.19 -5.37 -0.86
C ASN B 42 3.08 -5.41 0.19
N VAL B 43 2.34 -4.30 0.29
CA VAL B 43 1.36 -4.14 1.39
C VAL B 43 0.27 -5.21 1.34
N ALA B 44 -0.34 -5.39 0.18
CA ALA B 44 -1.40 -6.37 0.05
C ALA B 44 -0.91 -7.80 0.30
N GLN B 45 0.29 -8.13 -0.15
CA GLN B 45 0.83 -9.46 0.12
C GLN B 45 1.03 -9.68 1.63
N LEU B 46 1.61 -8.69 2.31
CA LEU B 46 1.81 -8.78 3.76
C LEU B 46 0.47 -8.94 4.50
N THR B 47 -0.51 -8.15 4.09
CA THR B 47 -1.83 -8.25 4.71
C THR B 47 -2.46 -9.62 4.44
N ALA B 48 -2.31 -10.14 3.22
CA ALA B 48 -2.81 -11.49 2.94
C ALA B 48 -2.13 -12.52 3.86
N GLN B 49 -0.83 -12.36 4.08
CA GLN B 49 -0.08 -13.28 4.95
C GLN B 49 -0.60 -13.35 6.38
N TYR B 50 -1.16 -12.24 6.87
CA TYR B 50 -1.85 -12.24 8.16
C TYR B 50 -2.93 -13.35 8.24
N TYR B 51 -3.67 -13.51 7.15
CA TYR B 51 -4.74 -14.52 7.08
C TYR B 51 -4.27 -15.89 6.66
N VAL B 52 -3.28 -15.96 5.76
CA VAL B 52 -3.00 -17.23 5.13
C VAL B 52 -1.84 -18.00 5.74
N LEU B 53 -1.02 -17.31 6.54
CA LEU B 53 0.10 -17.94 7.23
C LEU B 53 -0.25 -18.08 8.71
N LYS B 54 0.27 -19.13 9.34
CA LYS B 54 0.00 -19.35 10.76
C LYS B 54 1.28 -19.59 11.57
N PRO B 55 1.24 -19.33 12.89
CA PRO B 55 2.39 -19.70 13.72
C PRO B 55 2.54 -21.23 13.78
N GLU B 56 3.78 -21.70 13.81
CA GLU B 56 4.09 -23.13 13.95
C GLU B 56 3.98 -23.53 15.41
N ALA B 57 3.07 -24.45 15.72
CA ALA B 57 2.94 -25.01 17.07
C ALA B 57 4.29 -25.54 17.56
N GLY B 58 4.67 -25.17 18.78
CA GLY B 58 5.95 -25.59 19.36
C GLY B 58 7.16 -24.75 18.97
N ASN B 59 6.96 -23.77 18.10
CA ASN B 59 8.02 -22.85 17.71
C ASN B 59 7.93 -21.57 18.55
N ALA B 60 8.87 -21.44 19.49
CA ALA B 60 8.87 -20.33 20.46
C ALA B 60 8.98 -18.96 19.80
N GLU B 61 9.58 -18.92 18.61
CA GLU B 61 9.70 -17.66 17.87
C GLU B 61 8.36 -17.21 17.28
N HIS B 62 7.44 -18.14 17.09
CA HIS B 62 6.11 -17.78 16.61
C HIS B 62 5.11 -17.57 17.75
N ALA B 63 5.58 -17.70 19.00
CA ALA B 63 4.67 -17.60 20.13
C ALA B 63 4.34 -16.15 20.41
N VAL B 64 3.25 -15.94 21.17
CA VAL B 64 2.90 -14.60 21.66
C VAL B 64 3.94 -14.23 22.72
N LYS B 65 4.49 -13.03 22.57
CA LYS B 65 5.42 -12.48 23.55
C LYS B 65 4.86 -11.11 23.92
N PHE B 66 4.06 -11.08 24.98
CA PHE B 66 3.27 -9.92 25.31
C PHE B 66 3.86 -9.24 26.55
N GLY B 67 4.64 -8.17 26.33
CA GLY B 67 5.31 -7.47 27.40
C GLY B 67 4.82 -6.05 27.59
N THR B 68 5.70 -5.20 28.12
CA THR B 68 5.35 -3.82 28.44
C THR B 68 4.88 -3.03 27.21
N SER B 69 5.37 -3.38 26.03
CA SER B 69 4.89 -2.75 24.82
C SER B 69 4.03 -3.70 24.00
N GLY B 70 3.41 -4.67 24.68
CA GLY B 70 2.52 -5.62 24.02
C GLY B 70 3.26 -6.66 23.19
N HIS B 71 2.57 -7.21 22.20
CA HIS B 71 3.17 -8.20 21.32
C HIS B 71 3.49 -7.56 19.97
N ARG B 72 4.70 -7.76 19.47
CA ARG B 72 5.07 -7.26 18.13
C ARG B 72 5.66 -8.38 17.31
N GLY B 73 5.40 -8.34 16.00
CA GLY B 73 5.95 -9.32 15.08
C GLY B 73 5.65 -8.92 13.65
N SER B 74 5.69 -9.90 12.75
CA SER B 74 5.35 -9.67 11.34
C SER B 74 4.68 -10.90 10.77
N ALA B 75 3.61 -10.69 9.99
CA ALA B 75 2.86 -11.76 9.36
C ALA B 75 3.75 -12.67 8.53
N GLY B 76 4.69 -12.07 7.81
CA GLY B 76 5.63 -12.82 6.97
C GLY B 76 6.64 -13.68 7.72
N ARG B 77 6.78 -13.45 9.02
CA ARG B 77 7.66 -14.23 9.90
C ARG B 77 6.84 -15.11 10.85
N HIS B 78 5.55 -15.26 10.56
CA HIS B 78 4.64 -16.08 11.36
C HIS B 78 4.51 -15.60 12.81
N SER B 79 4.77 -14.32 13.03
CA SER B 79 4.74 -13.77 14.40
C SER B 79 3.75 -12.61 14.61
N PHE B 80 2.84 -12.42 13.66
CA PHE B 80 1.77 -11.44 13.80
C PHE B 80 0.73 -11.76 12.75
N ASN B 81 -0.09 -12.75 13.11
CA ASN B 81 -1.09 -13.28 12.19
C ASN B 81 -2.42 -13.41 12.91
N GLU B 82 -3.45 -13.77 12.17
CA GLU B 82 -4.80 -13.80 12.72
C GLU B 82 -4.87 -14.61 14.03
N PRO B 83 -4.24 -15.82 14.08
CA PRO B 83 -4.36 -16.58 15.33
C PRO B 83 -3.76 -15.88 16.55
N HIS B 84 -2.61 -15.19 16.41
CA HIS B 84 -2.05 -14.41 17.53
C HIS B 84 -3.06 -13.39 18.07
N ILE B 85 -3.67 -12.63 17.17
CA ILE B 85 -4.52 -11.51 17.56
C ILE B 85 -5.83 -12.04 18.15
N LEU B 86 -6.36 -13.10 17.54
CA LEU B 86 -7.53 -13.78 18.12
C LEU B 86 -7.25 -14.22 19.57
N ALA B 87 -6.10 -14.88 19.78
CA ALA B 87 -5.72 -15.37 21.09
C ALA B 87 -5.51 -14.25 22.09
N ILE B 88 -4.78 -13.21 21.67
CA ILE B 88 -4.53 -12.04 22.52
C ILE B 88 -5.83 -11.32 22.90
N ALA B 89 -6.70 -11.08 21.91
CA ALA B 89 -7.97 -10.39 22.14
C ALA B 89 -8.84 -11.12 23.14
N GLN B 90 -8.86 -12.45 23.03
CA GLN B 90 -9.60 -13.31 23.95
C GLN B 90 -9.02 -13.24 25.36
N ALA B 91 -7.70 -13.25 25.47
CA ALA B 91 -7.03 -13.16 26.76
C ALA B 91 -7.33 -11.82 27.43
N ILE B 92 -7.34 -10.75 26.65
CA ILE B 92 -7.64 -9.40 27.19
C ILE B 92 -9.09 -9.30 27.65
N ALA B 93 -10.02 -9.81 26.84
CA ALA B 93 -11.43 -9.83 27.22
C ALA B 93 -11.65 -10.53 28.56
N GLU B 94 -11.04 -11.70 28.74
CA GLU B 94 -11.18 -12.47 29.99
C GLU B 94 -10.51 -11.74 31.16
N GLU B 95 -9.34 -11.17 30.91
CA GLU B 95 -8.59 -10.48 31.97
C GLU B 95 -9.31 -9.23 32.49
N ARG B 96 -9.82 -8.42 31.58
CA ARG B 96 -10.58 -7.23 31.96
C ARG B 96 -11.88 -7.59 32.73
N ALA B 97 -12.55 -8.67 32.33
CA ALA B 97 -13.75 -9.15 33.05
C ALA B 97 -13.42 -9.62 34.45
N LYS B 98 -12.32 -10.37 34.55
CA LYS B 98 -11.75 -10.79 35.84
C LYS B 98 -11.50 -9.61 36.77
N ASN B 99 -11.14 -8.46 36.18
CA ASN B 99 -10.95 -7.22 36.94
C ASN B 99 -12.18 -6.30 37.07
N GLY B 100 -13.36 -6.81 36.69
CA GLY B 100 -14.60 -6.05 36.82
C GLY B 100 -14.74 -4.79 35.98
N ILE B 101 -14.02 -4.75 34.86
CA ILE B 101 -14.06 -3.62 33.93
C ILE B 101 -15.25 -3.87 33.01
N THR B 102 -16.25 -3.00 33.08
CA THR B 102 -17.49 -3.24 32.31
C THR B 102 -17.83 -2.11 31.36
N GLY B 103 -17.04 -1.04 31.41
CA GLY B 103 -17.19 0.05 30.46
C GLY B 103 -16.66 -0.29 29.08
N PRO B 104 -16.56 0.71 28.20
CA PRO B 104 -16.09 0.45 26.83
C PRO B 104 -14.58 0.24 26.77
N CYS B 105 -14.14 -0.45 25.72
CA CYS B 105 -12.74 -0.56 25.40
C CYS B 105 -12.46 0.34 24.20
N TYR B 106 -11.64 1.36 24.39
CA TYR B 106 -11.19 2.25 23.30
C TYR B 106 -10.14 1.53 22.47
N VAL B 107 -10.47 1.24 21.21
CA VAL B 107 -9.53 0.52 20.34
C VAL B 107 -9.02 1.47 19.25
N GLY B 108 -7.75 1.84 19.37
CA GLY B 108 -7.09 2.74 18.40
C GLY B 108 -6.04 2.01 17.61
N LYS B 109 -5.80 2.49 16.39
CA LYS B 109 -4.79 1.89 15.51
C LYS B 109 -3.92 2.98 14.86
N ASP B 110 -2.67 2.61 14.56
CA ASP B 110 -1.75 3.50 13.84
C ASP B 110 -1.80 3.17 12.36
N THR B 111 -0.85 3.71 11.61
CA THR B 111 -0.84 3.63 10.15
C THR B 111 -0.04 2.46 9.56
N HIS B 112 0.47 1.56 10.38
CA HIS B 112 1.07 0.32 9.84
C HIS B 112 0.01 -0.55 9.13
N ALA B 113 0.42 -1.24 8.07
CA ALA B 113 -0.48 -2.10 7.30
C ALA B 113 -1.18 -3.11 8.21
N LEU B 114 -0.40 -3.81 9.02
CA LEU B 114 -0.94 -4.91 9.84
C LEU B 114 -1.85 -4.46 10.96
N SER B 115 -1.89 -3.15 11.23
CA SER B 115 -2.86 -2.64 12.20
C SER B 115 -4.29 -2.79 11.66
N GLU B 116 -4.44 -2.84 10.34
CA GLU B 116 -5.79 -2.94 9.76
C GLU B 116 -6.48 -4.30 10.02
N PRO B 117 -5.84 -5.43 9.63
CA PRO B 117 -6.46 -6.72 9.93
C PRO B 117 -6.51 -6.99 11.43
N ALA B 118 -5.48 -6.55 12.18
CA ALA B 118 -5.49 -6.76 13.65
C ALA B 118 -6.67 -6.05 14.30
N PHE B 119 -6.92 -4.82 13.88
CA PHE B 119 -8.09 -4.05 14.32
C PHE B 119 -9.41 -4.81 14.10
N ILE B 120 -9.58 -5.38 12.91
CA ILE B 120 -10.79 -6.16 12.65
C ILE B 120 -10.89 -7.39 13.56
N SER B 121 -9.78 -8.11 13.73
CA SER B 121 -9.77 -9.28 14.63
C SER B 121 -10.18 -8.94 16.06
N VAL B 122 -9.68 -7.80 16.55
CA VAL B 122 -10.01 -7.33 17.89
C VAL B 122 -11.51 -7.06 18.03
N LEU B 123 -12.09 -6.37 17.05
CA LEU B 123 -13.53 -6.09 17.09
C LEU B 123 -14.33 -7.39 17.08
N GLU B 124 -13.91 -8.33 16.23
CA GLU B 124 -14.60 -9.63 16.13
C GLU B 124 -14.64 -10.40 17.45
N VAL B 125 -13.52 -10.42 18.17
CA VAL B 125 -13.41 -11.18 19.41
C VAL B 125 -14.07 -10.45 20.58
N LEU B 126 -13.82 -9.14 20.67
CA LEU B 126 -14.39 -8.35 21.76
C LEU B 126 -15.92 -8.33 21.72
N ALA B 127 -16.49 -8.07 20.55
CA ALA B 127 -17.95 -8.11 20.38
C ALA B 127 -18.52 -9.51 20.71
N ALA B 128 -17.82 -10.56 20.28
CA ALA B 128 -18.20 -11.93 20.63
C ALA B 128 -18.17 -12.22 22.14
N ASN B 129 -17.33 -11.51 22.88
CA ASN B 129 -17.25 -11.63 24.34
C ASN B 129 -18.12 -10.64 25.10
N GLY B 130 -18.99 -9.93 24.39
CA GLY B 130 -19.93 -9.00 25.03
C GLY B 130 -19.29 -7.68 25.45
N VAL B 131 -18.17 -7.33 24.81
CA VAL B 131 -17.42 -6.12 25.18
C VAL B 131 -17.83 -4.98 24.27
N ASP B 132 -18.25 -3.86 24.85
CA ASP B 132 -18.47 -2.61 24.09
C ASP B 132 -17.14 -1.97 23.70
N VAL B 133 -17.08 -1.53 22.45
CA VAL B 133 -15.89 -0.97 21.83
C VAL B 133 -16.18 0.46 21.34
N ILE B 134 -15.22 1.36 21.56
CA ILE B 134 -15.28 2.70 20.95
C ILE B 134 -14.10 2.87 20.02
N VAL B 135 -14.39 3.27 18.78
CA VAL B 135 -13.38 3.40 17.73
C VAL B 135 -13.44 4.81 17.14
N GLN B 136 -12.35 5.22 16.49
CA GLN B 136 -12.32 6.47 15.72
C GLN B 136 -13.16 6.28 14.44
N GLU B 137 -14.03 7.26 14.19
CA GLU B 137 -14.94 7.20 13.04
C GLU B 137 -14.17 7.28 11.71
N ASN B 138 -14.81 6.82 10.63
CA ASN B 138 -14.19 6.85 9.30
C ASN B 138 -12.87 6.08 9.21
N ASN B 139 -12.76 4.98 9.97
CA ASN B 139 -11.54 4.13 9.99
C ASN B 139 -10.25 4.96 10.21
N GLY B 140 -10.36 6.04 10.99
CA GLY B 140 -9.21 6.93 11.23
C GLY B 140 -8.21 6.35 12.20
N PHE B 141 -7.13 7.10 12.41
CA PHE B 141 -5.99 6.63 13.21
C PHE B 141 -5.95 7.34 14.55
N THR B 142 -5.41 6.68 15.57
CA THR B 142 -5.44 7.23 16.93
C THR B 142 -4.10 7.06 17.64
N PRO B 143 -3.46 8.18 18.01
CA PRO B 143 -2.25 8.10 18.84
C PRO B 143 -2.46 7.39 20.18
N THR B 144 -1.40 6.73 20.64
CA THR B 144 -1.38 6.10 21.96
C THR B 144 -1.84 7.06 23.06
N PRO B 145 -1.33 8.32 23.07
CA PRO B 145 -1.77 9.24 24.13
C PRO B 145 -3.23 9.67 24.04
N ALA B 146 -3.82 9.62 22.83
CA ALA B 146 -5.22 9.95 22.65
C ALA B 146 -6.07 8.85 23.26
N VAL B 147 -5.63 7.60 23.11
CA VAL B 147 -6.28 6.48 23.80
C VAL B 147 -6.18 6.64 25.33
N SER B 148 -4.98 6.87 25.84
CA SER B 148 -4.79 7.12 27.27
C SER B 148 -5.70 8.25 27.76
N ASN B 149 -5.67 9.37 27.06
CA ASN B 149 -6.45 10.53 27.42
C ASN B 149 -7.96 10.23 27.39
N ALA B 150 -8.43 9.54 26.36
CA ALA B 150 -9.84 9.12 26.27
C ALA B 150 -10.28 8.25 27.46
N ILE B 151 -9.43 7.31 27.87
CA ILE B 151 -9.70 6.43 29.01
C ILE B 151 -9.84 7.26 30.28
N LEU B 152 -8.89 8.17 30.49
CA LEU B 152 -8.86 8.99 31.71
C LEU B 152 -10.09 9.91 31.82
N VAL B 153 -10.40 10.60 30.72
CA VAL B 153 -11.57 11.46 30.63
C VAL B 153 -12.87 10.65 30.85
N HIS B 154 -12.95 9.48 30.24
CA HIS B 154 -14.11 8.61 30.46
C HIS B 154 -14.25 8.28 31.94
N ASN B 155 -13.17 7.80 32.54
CA ASN B 155 -13.21 7.29 33.90
C ASN B 155 -13.33 8.36 34.99
N LYS B 156 -12.94 9.59 34.68
CA LYS B 156 -13.16 10.70 35.61
C LYS B 156 -14.65 10.84 35.96
N LYS B 157 -15.53 10.38 35.06
CA LYS B 157 -16.98 10.54 35.26
C LYS B 157 -17.64 9.54 36.23
N GLY B 158 -16.85 8.56 36.70
CA GLY B 158 -17.27 7.71 37.82
C GLY B 158 -18.30 6.62 37.56
N GLY B 159 -18.50 6.24 36.31
CA GLY B 159 -19.37 5.12 35.95
C GLY B 159 -18.58 3.85 35.69
N PRO B 160 -19.11 2.95 34.83
CA PRO B 160 -18.38 1.74 34.42
C PRO B 160 -17.01 2.12 33.82
N LEU B 161 -15.97 1.37 34.16
CA LEU B 161 -14.60 1.77 33.81
C LEU B 161 -14.25 1.42 32.36
N ALA B 162 -13.66 2.39 31.66
CA ALA B 162 -13.14 2.17 30.31
C ALA B 162 -11.69 1.70 30.35
N ASP B 163 -11.30 0.93 29.35
CA ASP B 163 -9.87 0.66 29.11
C ASP B 163 -9.61 0.80 27.61
N GLY B 164 -8.47 0.26 27.16
CA GLY B 164 -8.06 0.47 25.79
C GLY B 164 -7.10 -0.56 25.24
N ILE B 165 -7.11 -0.67 23.92
CA ILE B 165 -6.13 -1.46 23.20
C ILE B 165 -5.53 -0.52 22.15
N VAL B 166 -4.20 -0.49 22.06
CA VAL B 166 -3.56 0.30 21.02
C VAL B 166 -2.90 -0.65 20.03
N ILE B 167 -3.28 -0.53 18.77
CA ILE B 167 -2.76 -1.41 17.74
C ILE B 167 -1.66 -0.69 16.97
N THR B 168 -0.41 -0.98 17.32
CA THR B 168 0.74 -0.29 16.76
C THR B 168 1.98 -1.02 17.17
N PRO B 169 2.99 -1.12 16.28
CA PRO B 169 4.31 -1.55 16.72
C PRO B 169 5.28 -0.36 16.90
N SER B 170 4.72 0.82 17.17
CA SER B 170 5.53 2.06 17.32
C SER B 170 6.37 2.34 16.06
N HIS B 171 7.69 2.51 16.19
CA HIS B 171 8.50 2.90 15.03
C HIS B 171 9.13 1.75 14.24
N ASN B 172 8.76 0.52 14.58
CA ASN B 172 9.21 -0.66 13.82
C ASN B 172 8.96 -0.50 12.32
N PRO B 173 9.71 -1.25 11.48
CA PRO B 173 9.59 -1.14 10.02
C PRO B 173 8.18 -1.43 9.48
N PRO B 174 7.93 -1.05 8.22
CA PRO B 174 6.57 -1.19 7.67
C PRO B 174 5.98 -2.61 7.73
N GLU B 175 6.80 -3.65 7.81
CA GLU B 175 6.28 -5.02 7.78
C GLU B 175 5.79 -5.52 9.14
N ASP B 176 6.00 -4.72 10.19
CA ASP B 176 5.69 -5.17 11.54
C ASP B 176 4.30 -4.73 12.02
N GLY B 177 3.77 -5.52 12.94
CA GLY B 177 2.50 -5.24 13.60
C GLY B 177 2.75 -5.25 15.11
N GLY B 178 1.85 -4.60 15.84
CA GLY B 178 1.94 -4.58 17.30
C GLY B 178 0.56 -4.44 17.91
N ILE B 179 0.43 -4.93 19.14
CA ILE B 179 -0.81 -4.77 19.92
C ILE B 179 -0.49 -4.70 21.40
N LYS B 180 -1.08 -3.74 22.08
CA LYS B 180 -0.87 -3.59 23.51
C LYS B 180 -2.15 -3.20 24.22
N TYR B 181 -2.15 -3.38 25.54
CA TYR B 181 -3.31 -3.15 26.37
C TYR B 181 -3.05 -2.03 27.39
N ASN B 182 -4.04 -1.14 27.55
CA ASN B 182 -4.01 -0.07 28.55
C ASN B 182 -5.19 -0.25 29.50
N PRO B 183 -4.93 -0.58 30.78
CA PRO B 183 -5.97 -0.71 31.81
C PRO B 183 -6.66 0.64 32.12
N PRO B 184 -7.64 0.63 33.05
CA PRO B 184 -8.40 1.84 33.41
C PRO B 184 -7.59 3.05 33.89
N ASN B 185 -6.38 2.85 34.40
CA ASN B 185 -5.50 3.98 34.75
C ASN B 185 -4.89 4.71 33.54
N GLY B 186 -5.21 4.23 32.34
CA GLY B 186 -4.83 4.88 31.08
C GLY B 186 -3.44 4.56 30.56
N GLY B 187 -2.62 3.92 31.38
CA GLY B 187 -1.23 3.65 31.02
C GLY B 187 -0.96 2.23 30.56
N PRO B 188 0.28 1.94 30.15
CA PRO B 188 0.61 0.58 29.74
C PRO B 188 0.37 -0.44 30.87
N ALA B 189 -0.17 -1.60 30.50
CA ALA B 189 -0.38 -2.67 31.47
C ALA B 189 0.95 -3.07 32.10
N ASP B 190 0.92 -3.34 33.40
CA ASP B 190 2.12 -3.79 34.12
C ASP B 190 2.30 -5.29 33.97
N THR B 191 3.45 -5.79 34.41
CA THR B 191 3.87 -7.17 34.16
C THR B 191 2.97 -8.24 34.81
N ASN B 192 2.24 -7.86 35.84
CA ASN B 192 1.24 -8.76 36.43
C ASN B 192 0.03 -9.03 35.52
N VAL B 193 -0.30 -8.06 34.67
CA VAL B 193 -1.38 -8.23 33.69
C VAL B 193 -0.84 -8.87 32.41
N THR B 194 0.31 -8.37 31.94
CA THR B 194 0.84 -8.83 30.66
C THR B 194 1.26 -10.31 30.67
N LYS B 195 1.84 -10.77 31.79
CA LYS B 195 2.25 -12.19 31.89
C LYS B 195 1.06 -13.15 31.87
N VAL B 196 -0.06 -12.73 32.45
CA VAL B 196 -1.31 -13.49 32.42
C VAL B 196 -1.87 -13.54 31.00
N VAL B 197 -1.91 -12.39 30.34
CA VAL B 197 -2.37 -12.32 28.94
C VAL B 197 -1.48 -13.19 28.04
N GLU B 198 -0.17 -13.10 28.22
CA GLU B 198 0.78 -13.92 27.45
C GLU B 198 0.47 -15.41 27.62
N ASP B 199 0.44 -15.88 28.86
CA ASP B 199 0.18 -17.29 29.16
C ASP B 199 -1.14 -17.78 28.60
N ARG B 200 -2.20 -16.98 28.79
CA ARG B 200 -3.53 -17.33 28.27
C ARG B 200 -3.56 -17.36 26.74
N ALA B 201 -2.93 -16.36 26.10
CA ALA B 201 -2.88 -16.31 24.63
C ALA B 201 -2.17 -17.54 24.07
N ASN B 202 -1.03 -17.90 24.67
CA ASN B 202 -0.27 -19.06 24.22
C ASN B 202 -1.00 -20.38 24.50
N ALA B 203 -1.65 -20.48 25.66
CA ALA B 203 -2.54 -21.61 25.94
C ALA B 203 -3.62 -21.73 24.87
N LEU B 204 -4.26 -20.62 24.51
CA LEU B 204 -5.30 -20.62 23.47
C LEU B 204 -4.77 -21.06 22.10
N LEU B 205 -3.56 -20.62 21.78
CA LEU B 205 -2.89 -20.98 20.53
C LEU B 205 -2.61 -22.49 20.46
N ALA B 206 -2.15 -23.05 21.58
CA ALA B 206 -1.89 -24.49 21.70
C ALA B 206 -3.18 -25.30 21.61
N GLY B 207 -4.30 -24.68 21.93
CA GLY B 207 -5.60 -25.35 21.89
C GLY B 207 -6.32 -25.15 20.57
N GLY B 208 -5.59 -24.70 19.55
CA GLY B 208 -6.14 -24.41 18.23
C GLY B 208 -7.29 -23.41 18.21
N LEU B 209 -7.21 -22.40 19.07
CA LEU B 209 -8.20 -21.32 19.15
C LEU B 209 -9.64 -21.73 19.55
N GLN B 210 -9.82 -22.98 19.94
CA GLN B 210 -11.10 -23.35 20.52
C GLN B 210 -11.16 -22.62 21.85
N GLY B 211 -12.31 -22.04 22.18
CA GLY B 211 -12.33 -21.17 23.37
C GLY B 211 -11.95 -19.72 23.10
N VAL B 212 -11.53 -19.43 21.87
CA VAL B 212 -11.64 -18.06 21.38
C VAL B 212 -13.07 -17.88 20.87
N LYS B 213 -13.79 -16.91 21.42
CA LYS B 213 -15.11 -16.58 20.93
C LYS B 213 -14.98 -15.53 19.85
N ARG B 214 -15.62 -15.75 18.71
CA ARG B 214 -15.57 -14.78 17.60
C ARG B 214 -16.83 -14.79 16.75
N ILE B 215 -17.24 -13.60 16.30
CA ILE B 215 -18.31 -13.47 15.32
C ILE B 215 -17.73 -12.78 14.08
N SER B 216 -18.47 -12.74 12.98
CA SER B 216 -17.99 -12.03 11.78
C SER B 216 -17.97 -10.51 12.03
N LEU B 217 -17.22 -9.77 11.20
CA LEU B 217 -17.21 -8.31 11.28
C LEU B 217 -18.63 -7.73 11.14
N ASP B 218 -19.39 -8.26 10.18
CA ASP B 218 -20.76 -7.83 9.97
C ASP B 218 -21.65 -8.10 11.19
N ALA B 219 -21.52 -9.29 11.78
CA ALA B 219 -22.21 -9.58 13.04
C ALA B 219 -21.77 -8.62 14.16
N ALA B 220 -20.47 -8.32 14.21
CA ALA B 220 -19.95 -7.42 15.24
C ALA B 220 -20.52 -6.02 15.10
N MET B 221 -20.68 -5.56 13.86
CA MET B 221 -21.25 -4.23 13.61
C MET B 221 -22.75 -4.22 13.91
N ALA B 222 -23.41 -5.34 13.69
CA ALA B 222 -24.84 -5.44 13.96
C ALA B 222 -25.14 -5.63 15.46
N SER B 223 -24.11 -6.00 16.22
CA SER B 223 -24.29 -6.38 17.62
C SER B 223 -24.66 -5.21 18.52
N GLY B 224 -24.34 -3.98 18.10
CA GLY B 224 -24.49 -2.82 18.97
C GLY B 224 -23.29 -2.58 19.90
N HIS B 225 -22.26 -3.43 19.79
CA HIS B 225 -21.06 -3.26 20.61
C HIS B 225 -20.09 -2.20 20.10
N VAL B 226 -20.16 -1.90 18.80
CA VAL B 226 -19.16 -1.01 18.19
C VAL B 226 -19.70 0.39 17.92
N LYS B 227 -19.15 1.37 18.63
CA LYS B 227 -19.57 2.76 18.45
C LYS B 227 -18.39 3.58 17.89
N ALA B 228 -18.64 4.32 16.82
CA ALA B 228 -17.59 5.18 16.20
C ALA B 228 -17.76 6.61 16.67
N VAL B 229 -16.70 7.22 17.17
CA VAL B 229 -16.76 8.63 17.62
C VAL B 229 -15.58 9.41 17.05
N ASP B 230 -15.60 10.74 17.17
CA ASP B 230 -14.41 11.52 16.87
C ASP B 230 -13.59 11.71 18.15
N LEU B 231 -12.44 11.07 18.22
CA LEU B 231 -11.55 11.26 19.37
C LEU B 231 -10.62 12.46 19.20
N VAL B 232 -10.49 12.93 17.95
CA VAL B 232 -9.57 14.02 17.64
C VAL B 232 -10.00 15.32 18.35
N GLN B 233 -11.25 15.72 18.12
CA GLN B 233 -11.72 17.00 18.64
C GLN B 233 -11.62 17.19 20.16
N PRO B 234 -12.06 16.20 20.97
CA PRO B 234 -11.88 16.32 22.43
C PRO B 234 -10.42 16.40 22.90
N PHE B 235 -9.53 15.67 22.24
CA PHE B 235 -8.11 15.73 22.56
C PHE B 235 -7.54 17.12 22.25
N VAL B 236 -7.75 17.59 21.01
CA VAL B 236 -7.18 18.86 20.55
C VAL B 236 -7.69 20.06 21.38
N GLU B 237 -8.99 20.09 21.66
CA GLU B 237 -9.56 21.15 22.47
C GLU B 237 -9.04 21.13 23.92
N GLY B 238 -8.83 19.93 24.43
CA GLY B 238 -8.30 19.74 25.77
C GLY B 238 -6.86 20.20 25.97
N LEU B 239 -6.12 20.38 24.86
CA LEU B 239 -4.70 20.77 24.95
C LEU B 239 -4.47 22.11 25.66
N ALA B 240 -5.47 22.97 25.67
CA ALA B 240 -5.39 24.24 26.39
C ALA B 240 -5.26 24.02 27.89
N ASP B 241 -5.67 22.84 28.36
CA ASP B 241 -5.64 22.51 29.78
CA ASP B 241 -5.65 22.47 29.77
C ASP B 241 -4.29 21.92 30.23
N ILE B 242 -3.35 21.77 29.30
CA ILE B 242 -2.02 21.21 29.62
C ILE B 242 -0.82 22.02 29.11
N VAL B 243 -0.96 22.61 27.93
CA VAL B 243 0.09 23.46 27.35
C VAL B 243 -0.50 24.87 27.13
N ASP B 244 0.34 25.90 27.24
CA ASP B 244 -0.13 27.30 27.12
C ASP B 244 -0.27 27.70 25.65
N MET B 245 -1.36 27.26 25.04
CA MET B 245 -1.60 27.48 23.61
C MET B 245 -1.76 28.95 23.24
N ALA B 246 -2.41 29.72 24.11
CA ALA B 246 -2.57 31.17 23.90
C ALA B 246 -1.20 31.86 23.78
N ALA B 247 -0.29 31.53 24.70
CA ALA B 247 1.07 32.08 24.65
C ALA B 247 1.79 31.69 23.36
N ILE B 248 1.61 30.44 22.93
CA ILE B 248 2.17 30.01 21.66
C ILE B 248 1.61 30.86 20.50
N GLN B 249 0.28 30.99 20.43
CA GLN B 249 -0.37 31.78 19.40
C GLN B 249 0.19 33.22 19.37
N LYS B 250 0.25 33.84 20.55
CA LYS B 250 0.62 35.25 20.66
C LYS B 250 2.07 35.50 20.25
N ALA B 251 2.91 34.47 20.37
CA ALA B 251 4.32 34.56 20.00
C ALA B 251 4.53 34.62 18.49
N GLY B 252 3.61 34.04 17.74
CA GLY B 252 3.69 34.03 16.28
C GLY B 252 4.93 33.34 15.74
N LEU B 253 5.26 32.17 16.30
CA LEU B 253 6.40 31.38 15.85
C LEU B 253 6.12 30.73 14.51
N THR B 254 7.17 30.53 13.72
CA THR B 254 7.07 29.75 12.51
C THR B 254 7.41 28.31 12.89
N LEU B 255 6.39 27.46 12.88
CA LEU B 255 6.52 26.06 13.28
C LEU B 255 6.41 25.12 12.09
N GLY B 256 7.22 24.05 12.14
CA GLY B 256 7.14 22.97 11.15
C GLY B 256 6.93 21.63 11.82
N VAL B 257 6.19 20.73 11.17
CA VAL B 257 6.05 19.36 11.68
C VAL B 257 6.19 18.34 10.55
N ASP B 258 6.96 17.28 10.81
CA ASP B 258 6.93 16.11 9.95
C ASP B 258 6.16 15.02 10.67
N PRO B 259 4.91 14.77 10.24
CA PRO B 259 4.03 13.79 10.86
C PRO B 259 4.55 12.37 10.66
N LEU B 260 5.52 12.20 9.76
CA LEU B 260 6.16 10.92 9.45
C LEU B 260 5.15 9.81 9.14
N GLY B 261 4.07 10.17 8.45
CA GLY B 261 3.04 9.23 8.05
C GLY B 261 2.36 8.51 9.21
N GLY B 262 2.38 9.13 10.39
CA GLY B 262 1.90 8.48 11.61
C GLY B 262 0.45 8.78 11.96
N SER B 263 0.02 8.25 13.09
CA SER B 263 -1.39 8.24 13.49
C SER B 263 -1.95 9.61 13.87
N GLY B 264 -1.07 10.58 14.13
CA GLY B 264 -1.53 11.90 14.59
C GLY B 264 -1.50 12.97 13.53
N ILE B 265 -1.40 12.55 12.28
CA ILE B 265 -1.38 13.50 11.18
C ILE B 265 -2.62 14.44 11.19
N GLU B 266 -3.81 13.88 11.45
CA GLU B 266 -5.03 14.70 11.53
C GLU B 266 -5.04 15.58 12.78
N TYR B 267 -4.38 15.11 13.84
CA TYR B 267 -4.27 15.87 15.07
C TYR B 267 -3.50 17.18 14.87
N TRP B 268 -2.35 17.09 14.20
CA TRP B 268 -1.55 18.28 13.87
C TRP B 268 -2.31 19.30 13.03
N LYS B 269 -3.02 18.83 12.02
CA LYS B 269 -3.85 19.71 11.19
C LYS B 269 -4.87 20.44 12.04
N ARG B 270 -5.57 19.70 12.90
CA ARG B 270 -6.61 20.30 13.75
C ARG B 270 -6.04 21.25 14.81
N ILE B 271 -4.89 20.89 15.39
CA ILE B 271 -4.15 21.80 16.29
C ILE B 271 -3.82 23.14 15.63
N ALA B 272 -3.28 23.09 14.41
CA ALA B 272 -2.91 24.30 13.67
C ALA B 272 -4.12 25.20 13.41
N GLU B 273 -5.22 24.59 12.96
CA GLU B 273 -6.48 25.31 12.69
C GLU B 273 -7.08 25.88 13.97
N HIS B 274 -7.33 24.99 14.94
CA HIS B 274 -8.05 25.35 16.16
C HIS B 274 -7.32 26.43 16.97
N TYR B 275 -5.99 26.32 17.08
CA TYR B 275 -5.22 27.30 17.86
C TYR B 275 -4.58 28.39 17.01
N LYS B 276 -4.91 28.41 15.72
CA LYS B 276 -4.48 29.47 14.80
C LYS B 276 -2.97 29.63 14.76
N LEU B 277 -2.26 28.51 14.65
CA LEU B 277 -0.81 28.54 14.68
C LEU B 277 -0.25 28.61 13.29
N ASN B 278 0.94 29.17 13.18
CA ASN B 278 1.68 29.11 11.95
C ASN B 278 2.46 27.80 11.96
N LEU B 279 1.76 26.72 11.64
CA LEU B 279 2.32 25.38 11.73
C LEU B 279 2.17 24.67 10.40
N THR B 280 3.31 24.35 9.78
CA THR B 280 3.36 23.75 8.44
C THR B 280 3.67 22.26 8.54
N LEU B 281 2.85 21.42 7.91
CA LEU B 281 3.20 20.01 7.73
C LEU B 281 4.11 19.90 6.52
N VAL B 282 5.33 19.43 6.71
CA VAL B 282 6.32 19.40 5.61
C VAL B 282 6.04 18.30 4.60
N ASN B 283 5.17 17.37 4.98
CA ASN B 283 4.49 16.48 4.02
C ASN B 283 3.25 15.90 4.69
N ASP B 284 2.25 15.58 3.89
CA ASP B 284 1.02 15.04 4.42
C ASP B 284 0.78 13.57 4.01
N GLN B 285 1.84 12.87 3.58
CA GLN B 285 1.71 11.51 3.07
C GLN B 285 1.29 10.51 4.15
N VAL B 286 0.30 9.68 3.83
CA VAL B 286 0.04 8.43 4.57
C VAL B 286 0.22 7.31 3.55
N ASP B 287 1.13 6.39 3.84
CA ASP B 287 1.54 5.39 2.85
C ASP B 287 2.03 4.20 3.66
N GLN B 288 1.37 3.06 3.51
CA GLN B 288 1.72 1.87 4.31
C GLN B 288 3.07 1.24 3.93
N THR B 289 3.69 1.70 2.83
CA THR B 289 5.11 1.37 2.57
C THR B 289 6.09 2.35 3.23
N PHE B 290 5.57 3.50 3.70
CA PHE B 290 6.41 4.57 4.25
C PHE B 290 7.55 4.98 3.30
N ARG B 291 7.24 5.04 2.01
CA ARG B 291 8.24 5.25 0.96
C ARG B 291 8.91 6.63 0.99
N PHE B 292 8.21 7.61 1.55
CA PHE B 292 8.72 8.98 1.68
C PHE B 292 9.85 9.07 2.73
N MET B 293 10.06 8.00 3.51
CA MET B 293 11.08 8.00 4.57
C MET B 293 12.50 8.01 4.06
N HIS B 294 13.38 8.66 4.83
CA HIS B 294 14.82 8.44 4.65
C HIS B 294 15.20 7.24 5.50
N LEU B 295 16.13 6.44 5.00
CA LEU B 295 16.55 5.21 5.70
C LEU B 295 17.25 5.51 7.04
N ASP B 296 17.01 4.65 8.04
CA ASP B 296 17.63 4.80 9.38
C ASP B 296 19.10 4.36 9.35
N LYS B 297 19.77 4.47 10.49
CA LYS B 297 21.22 4.21 10.58
C LYS B 297 21.64 2.82 10.14
N ASP B 298 20.76 1.83 10.28
CA ASP B 298 21.05 0.47 9.80
C ASP B 298 20.44 0.16 8.42
N GLY B 299 20.02 1.19 7.71
CA GLY B 299 19.49 1.01 6.33
C GLY B 299 18.05 0.54 6.21
N ALA B 300 17.35 0.37 7.33
CA ALA B 300 15.94 0.00 7.34
C ALA B 300 15.07 1.25 7.29
N ILE B 301 13.82 1.09 6.88
CA ILE B 301 12.81 2.11 7.08
C ILE B 301 12.29 2.03 8.54
N ARG B 302 12.64 3.04 9.32
CA ARG B 302 12.20 3.12 10.71
C ARG B 302 11.72 4.54 11.01
N MET B 303 10.50 4.67 11.53
CA MET B 303 9.92 6.00 11.78
C MET B 303 10.30 6.56 13.15
N ASP B 304 11.60 6.63 13.39
CA ASP B 304 12.17 7.04 14.67
C ASP B 304 12.41 8.56 14.71
N CYS B 305 11.55 9.28 15.42
CA CYS B 305 11.65 10.74 15.52
C CYS B 305 12.89 11.22 16.26
N SER B 306 13.61 10.30 16.88
CA SER B 306 14.86 10.67 17.54
C SER B 306 16.11 10.30 16.72
N SER B 307 15.94 9.75 15.52
CA SER B 307 17.10 9.38 14.69
C SER B 307 17.41 10.47 13.66
N GLU B 308 18.63 10.99 13.68
CA GLU B 308 19.05 12.00 12.70
C GLU B 308 18.95 11.49 11.25
N CYS B 309 19.16 10.19 11.05
CA CYS B 309 19.03 9.57 9.73
C CYS B 309 17.60 9.56 9.21
N ALA B 310 16.68 9.05 10.04
CA ALA B 310 15.25 9.06 9.73
C ALA B 310 14.70 10.47 9.59
N MET B 311 15.17 11.39 10.44
CA MET B 311 14.73 12.80 10.44
C MET B 311 15.41 13.66 9.35
N ALA B 312 16.12 13.03 8.42
CA ALA B 312 16.94 13.77 7.46
C ALA B 312 16.12 14.77 6.64
N GLY B 313 14.88 14.40 6.33
CA GLY B 313 13.97 15.27 5.55
C GLY B 313 13.66 16.57 6.25
N LEU B 314 13.19 16.48 7.49
CA LEU B 314 12.91 17.67 8.29
C LEU B 314 14.17 18.49 8.60
N LEU B 315 15.28 17.81 8.82
CA LEU B 315 16.54 18.49 9.16
C LEU B 315 17.11 19.32 8.01
N ALA B 316 16.86 18.90 6.77
CA ALA B 316 17.25 19.69 5.60
C ALA B 316 16.49 21.03 5.58
N LEU B 317 15.37 21.08 6.30
CA LEU B 317 14.54 22.29 6.32
C LEU B 317 14.61 23.07 7.63
N ARG B 318 15.54 22.70 8.51
CA ARG B 318 15.58 23.28 9.87
C ARG B 318 15.79 24.81 9.91
N ASP B 319 16.42 25.36 8.88
CA ASP B 319 16.62 26.82 8.78
C ASP B 319 15.33 27.59 8.46
N LYS B 320 14.29 26.89 8.02
CA LYS B 320 13.04 27.54 7.62
C LYS B 320 12.03 27.73 8.76
N PHE B 321 12.35 27.23 9.95
CA PHE B 321 11.44 27.30 11.10
C PHE B 321 12.16 27.76 12.35
N ASP B 322 11.44 28.42 13.26
CA ASP B 322 11.94 28.70 14.61
C ASP B 322 12.11 27.38 15.37
N LEU B 323 11.16 26.49 15.14
CA LEU B 323 11.10 25.24 15.83
C LEU B 323 10.38 24.25 14.93
N ALA B 324 10.81 22.99 14.98
CA ALA B 324 10.14 21.96 14.22
C ALA B 324 10.11 20.67 15.02
N PHE B 325 9.19 19.78 14.68
CA PHE B 325 9.14 18.51 15.39
C PHE B 325 8.58 17.34 14.60
N ALA B 326 8.77 16.16 15.17
CA ALA B 326 8.28 14.94 14.58
C ALA B 326 7.88 13.98 15.69
N ASN B 327 7.11 12.96 15.32
CA ASN B 327 6.66 11.94 16.25
C ASN B 327 6.74 10.57 15.58
N ASP B 328 6.93 9.52 16.38
CA ASP B 328 6.86 8.16 15.85
C ASP B 328 5.41 7.80 15.52
N PRO B 329 5.16 6.63 14.86
CA PRO B 329 3.80 6.43 14.29
C PRO B 329 2.67 6.36 15.31
N ASP B 330 2.97 5.94 16.53
CA ASP B 330 1.97 5.90 17.60
C ASP B 330 1.91 7.21 18.40
N TYR B 331 2.79 8.17 18.06
CA TYR B 331 2.75 9.52 18.64
C TYR B 331 2.96 9.58 20.15
N ASP B 332 3.66 8.61 20.70
CA ASP B 332 4.03 8.65 22.11
C ASP B 332 5.45 9.20 22.34
N ARG B 333 6.25 9.27 21.28
CA ARG B 333 7.61 9.83 21.38
C ARG B 333 7.72 11.10 20.55
N HIS B 334 8.78 11.88 20.80
CA HIS B 334 8.94 13.18 20.17
C HIS B 334 10.39 13.42 19.75
N GLY B 335 10.57 14.24 18.71
CA GLY B 335 11.88 14.73 18.31
C GLY B 335 11.75 16.24 18.13
N ILE B 336 12.66 16.98 18.72
CA ILE B 336 12.64 18.45 18.67
C ILE B 336 13.77 18.93 17.75
N VAL B 337 13.40 19.76 16.77
CA VAL B 337 14.36 20.32 15.83
C VAL B 337 14.40 21.85 15.99
N THR B 338 15.59 22.40 16.11
CA THR B 338 15.81 23.83 16.04
C THR B 338 16.78 24.09 14.88
N PRO B 339 17.05 25.38 14.56
CA PRO B 339 18.05 25.64 13.50
C PRO B 339 19.41 24.99 13.76
N ALA B 340 19.71 24.70 15.04
CA ALA B 340 20.94 24.02 15.41
C ALA B 340 20.95 22.53 15.04
N GLY B 341 19.77 21.94 14.82
CA GLY B 341 19.67 20.50 14.53
C GLY B 341 18.70 19.77 15.43
N LEU B 342 18.80 18.44 15.44
CA LEU B 342 17.92 17.60 16.26
C LEU B 342 18.41 17.57 17.70
N MET B 343 17.56 18.00 18.64
CA MET B 343 17.94 17.98 20.06
C MET B 343 18.13 16.56 20.54
N ASN B 344 19.18 16.33 21.32
N ASN B 344 19.18 16.34 21.33
CA ASN B 344 19.35 15.03 21.97
CA ASN B 344 19.34 15.06 22.01
C ASN B 344 18.26 14.87 23.04
C ASN B 344 18.21 14.90 23.03
N PRO B 345 17.60 13.70 23.09
CA PRO B 345 16.45 13.47 24.01
C PRO B 345 16.72 13.79 25.49
N ASN B 346 17.91 13.43 26.00
CA ASN B 346 18.28 13.76 27.38
C ASN B 346 18.31 15.26 27.65
N HIS B 347 18.86 16.00 26.68
CA HIS B 347 18.98 17.44 26.80
C HIS B 347 17.60 18.07 26.90
N TYR B 348 16.69 17.60 26.05
CA TYR B 348 15.33 18.15 26.08
C TYR B 348 14.59 17.79 27.38
N LEU B 349 14.77 16.57 27.88
CA LEU B 349 14.16 16.20 29.18
C LEU B 349 14.54 17.19 30.28
N ALA B 350 15.83 17.49 30.39
CA ALA B 350 16.31 18.38 31.43
C ALA B 350 15.70 19.78 31.26
N VAL B 351 15.61 20.26 30.03
CA VAL B 351 15.04 21.59 29.75
C VAL B 351 13.54 21.64 30.05
N ALA B 352 12.82 20.59 29.69
CA ALA B 352 11.39 20.48 29.96
C ALA B 352 11.10 20.49 31.47
N ILE B 353 11.90 19.74 32.22
CA ILE B 353 11.73 19.68 33.68
C ILE B 353 12.03 21.04 34.31
N ASN B 354 13.15 21.64 33.92
CA ASN B 354 13.55 22.96 34.42
C ASN B 354 12.47 24.01 34.17
N TYR B 355 11.86 23.98 32.99
CA TYR B 355 10.79 24.91 32.67
C TYR B 355 9.47 24.62 33.43
N LEU B 356 9.00 23.38 33.34
CA LEU B 356 7.68 23.04 33.89
C LEU B 356 7.61 23.38 35.38
N PHE B 357 8.61 22.94 36.14
CA PHE B 357 8.55 23.10 37.59
C PHE B 357 8.73 24.54 38.05
N GLN B 358 9.03 25.44 37.10
CA GLN B 358 9.04 26.88 37.38
C GLN B 358 7.85 27.64 36.80
N HIS B 359 7.04 26.95 36.01
CA HIS B 359 5.93 27.60 35.29
C HIS B 359 4.61 26.85 35.46
N ARG B 360 4.46 26.13 36.57
CA ARG B 360 3.20 25.46 36.84
C ARG B 360 2.75 25.77 38.27
N PRO B 361 2.18 26.98 38.50
CA PRO B 361 1.88 27.48 39.86
C PRO B 361 0.89 26.61 40.65
N LEU B 362 0.01 25.89 39.95
CA LEU B 362 -1.01 25.07 40.60
C LEU B 362 -0.50 23.71 41.08
N TRP B 363 0.68 23.29 40.64
CA TRP B 363 1.24 21.99 41.04
C TRP B 363 1.68 22.06 42.50
N GLY B 364 1.26 21.07 43.30
CA GLY B 364 1.54 21.06 44.73
C GLY B 364 3.01 20.94 45.02
N LYS B 365 3.39 21.29 46.25
CA LYS B 365 4.79 21.24 46.68
C LYS B 365 5.31 19.81 46.63
N ASP B 366 4.41 18.84 46.83
CA ASP B 366 4.73 17.42 46.87
C ASP B 366 5.01 16.79 45.50
N VAL B 367 4.57 17.46 44.43
CA VAL B 367 4.68 16.94 43.06
C VAL B 367 6.15 16.68 42.65
N ALA B 368 6.44 15.42 42.34
CA ALA B 368 7.80 14.96 42.09
C ALA B 368 8.17 14.82 40.62
N VAL B 369 9.47 14.63 40.37
CA VAL B 369 10.01 14.40 39.04
C VAL B 369 10.45 12.93 38.91
N GLY B 370 9.83 12.21 37.96
CA GLY B 370 10.22 10.83 37.67
C GLY B 370 11.27 10.76 36.57
N LYS B 371 12.34 10.00 36.82
CA LYS B 371 13.48 9.87 35.91
C LYS B 371 13.94 8.40 35.89
N THR B 372 14.20 7.84 34.70
CA THR B 372 14.79 6.48 34.66
C THR B 372 16.27 6.60 35.01
N LEU B 373 16.86 5.58 35.62
CA LEU B 373 18.23 5.76 36.10
C LEU B 373 19.32 5.85 35.02
N VAL B 374 18.98 5.50 33.78
CA VAL B 374 19.94 5.62 32.65
C VAL B 374 19.82 6.97 31.92
N SER B 375 18.87 7.80 32.36
CA SER B 375 18.76 9.15 31.84
C SER B 375 19.88 10.03 32.42
N SER B 376 20.15 11.15 31.74
CA SER B 376 21.23 12.06 32.13
C SER B 376 21.13 12.58 33.57
N ALA B 377 22.29 12.62 34.25
CA ALA B 377 22.37 13.24 35.58
C ALA B 377 22.23 14.76 35.54
N MET B 378 22.14 15.34 34.34
CA MET B 378 21.76 16.75 34.23
C MET B 378 20.38 16.97 34.85
N ILE B 379 19.51 15.96 34.74
CA ILE B 379 18.17 16.00 35.35
C ILE B 379 18.29 16.13 36.87
N ASP B 380 19.14 15.28 37.48
CA ASP B 380 19.45 15.32 38.92
C ASP B 380 19.88 16.73 39.34
N ARG B 381 20.75 17.32 38.54
CA ARG B 381 21.24 18.67 38.80
C ARG B 381 20.08 19.69 38.81
N VAL B 382 19.22 19.57 37.82
CA VAL B 382 18.08 20.47 37.68
C VAL B 382 17.07 20.30 38.82
N VAL B 383 16.75 19.04 39.15
CA VAL B 383 15.73 18.74 40.16
C VAL B 383 16.21 19.18 41.55
N ASN B 384 17.46 18.84 41.87
CA ASN B 384 18.08 19.27 43.11
C ASN B 384 18.10 20.80 43.24
N ASP B 385 18.43 21.48 42.14
CA ASP B 385 18.42 22.93 42.09
C ASP B 385 17.02 23.55 42.37
N LEU B 386 15.97 22.91 41.85
CA LEU B 386 14.58 23.32 42.07
C LEU B 386 14.08 22.98 43.48
N GLY B 387 14.90 22.27 44.25
CA GLY B 387 14.47 21.74 45.56
C GLY B 387 13.33 20.73 45.45
N ARG B 388 13.20 20.11 44.28
CA ARG B 388 12.14 19.13 44.04
C ARG B 388 12.56 17.71 44.37
N LYS B 389 11.58 16.82 44.54
CA LYS B 389 11.83 15.41 44.79
C LYS B 389 12.15 14.64 43.50
N LEU B 390 13.34 14.05 43.44
CA LEU B 390 13.71 13.21 42.30
C LEU B 390 13.42 11.75 42.65
N VAL B 391 12.66 11.08 41.80
CA VAL B 391 12.39 9.66 42.00
C VAL B 391 13.00 8.85 40.85
N GLU B 392 14.14 8.23 41.12
CA GLU B 392 14.79 7.42 40.09
C GLU B 392 14.25 6.00 40.06
N VAL B 393 13.89 5.55 38.87
CA VAL B 393 13.25 4.26 38.67
C VAL B 393 14.05 3.43 37.64
N PRO B 394 13.76 2.11 37.54
CA PRO B 394 14.44 1.33 36.50
C PRO B 394 14.01 1.77 35.10
N VAL B 395 14.67 1.24 34.09
CA VAL B 395 14.23 1.47 32.71
C VAL B 395 12.76 1.08 32.58
N GLY B 396 12.00 1.92 31.88
CA GLY B 396 10.61 1.60 31.52
C GLY B 396 9.66 2.68 31.97
N PHE B 397 8.66 2.97 31.13
CA PHE B 397 7.68 4.01 31.45
C PHE B 397 6.65 3.54 32.49
N LYS B 398 6.46 2.22 32.59
CA LYS B 398 5.48 1.64 33.51
C LYS B 398 5.65 2.13 34.96
N TRP B 399 6.90 2.43 35.35
CA TRP B 399 7.20 2.92 36.69
C TRP B 399 6.62 4.31 37.01
N PHE B 400 6.18 5.04 35.98
CA PHE B 400 5.63 6.39 36.17
C PHE B 400 4.11 6.40 36.21
N VAL B 401 3.49 5.29 35.82
CA VAL B 401 2.03 5.28 35.59
C VAL B 401 1.20 5.64 36.82
N ASP B 402 1.44 4.95 37.94
CA ASP B 402 0.72 5.22 39.19
C ASP B 402 0.91 6.64 39.69
N GLY B 403 2.14 7.16 39.58
CA GLY B 403 2.46 8.50 40.08
C GLY B 403 1.87 9.63 39.25
N LEU B 404 1.85 9.44 37.93
CA LEU B 404 1.16 10.38 37.05
C LEU B 404 -0.36 10.33 37.28
N PHE B 405 -0.89 9.13 37.40
CA PHE B 405 -2.32 8.93 37.61
C PHE B 405 -2.81 9.64 38.89
N ASP B 406 -2.10 9.46 40.01
CA ASP B 406 -2.55 10.11 41.25
C ASP B 406 -2.01 11.53 41.45
N GLY B 407 -1.20 12.01 40.50
CA GLY B 407 -0.70 13.38 40.55
C GLY B 407 0.51 13.61 41.44
N SER B 408 1.11 12.53 41.96
CA SER B 408 2.34 12.67 42.77
C SER B 408 3.60 12.80 41.90
N PHE B 409 3.52 12.35 40.64
CA PHE B 409 4.55 12.70 39.65
C PHE B 409 4.06 13.81 38.73
N GLY B 410 4.83 14.88 38.65
CA GLY B 410 4.49 15.97 37.74
C GLY B 410 4.95 15.67 36.33
N PHE B 411 5.97 14.82 36.24
CA PHE B 411 6.65 14.55 34.99
C PHE B 411 7.33 13.20 35.11
N GLY B 412 7.26 12.41 34.05
CA GLY B 412 8.08 11.21 33.97
C GLY B 412 8.59 11.13 32.56
N GLY B 413 9.90 10.87 32.43
CA GLY B 413 10.52 10.77 31.12
C GLY B 413 11.54 9.65 31.03
N GLU B 414 11.81 9.22 29.80
CA GLU B 414 12.92 8.29 29.52
C GLU B 414 13.81 8.85 28.41
N GLU B 415 15.08 8.46 28.47
CA GLU B 415 16.10 8.91 27.54
C GLU B 415 15.84 8.46 26.08
N SER B 416 14.90 7.54 25.90
CA SER B 416 14.50 7.14 24.55
C SER B 416 13.39 8.05 23.95
N ALA B 417 13.26 9.26 24.48
CA ALA B 417 12.43 10.35 23.89
C ALA B 417 10.93 10.19 24.09
N GLY B 418 10.54 9.66 25.25
CA GLY B 418 9.12 9.53 25.59
C GLY B 418 8.93 10.13 26.98
N ALA B 419 7.88 10.93 27.13
CA ALA B 419 7.58 11.55 28.42
C ALA B 419 6.13 11.92 28.53
N SER B 420 5.72 12.24 29.74
CA SER B 420 4.41 12.82 29.95
C SER B 420 4.45 13.71 31.16
N PHE B 421 3.47 14.60 31.27
CA PHE B 421 3.37 15.48 32.41
C PHE B 421 1.91 15.82 32.69
N LEU B 422 1.65 16.42 33.85
CA LEU B 422 0.28 16.70 34.28
C LEU B 422 -0.36 17.92 33.58
N ARG B 423 -1.70 17.98 33.59
CA ARG B 423 -2.45 19.18 33.24
C ARG B 423 -2.03 20.35 34.15
N PHE B 424 -2.42 21.58 33.81
CA PHE B 424 -2.08 22.74 34.64
C PHE B 424 -2.51 22.53 36.09
N ASP B 425 -3.70 21.96 36.29
CA ASP B 425 -4.24 21.74 37.65
C ASP B 425 -3.66 20.54 38.42
N GLY B 426 -2.70 19.82 37.84
CA GLY B 426 -2.04 18.73 38.58
C GLY B 426 -2.76 17.40 38.53
N THR B 427 -3.66 17.25 37.57
CA THR B 427 -4.33 15.97 37.30
C THR B 427 -3.77 15.43 35.97
N PRO B 428 -3.82 14.10 35.77
CA PRO B 428 -3.24 13.54 34.55
C PRO B 428 -3.98 13.86 33.25
N TRP B 429 -3.18 13.99 32.19
CA TRP B 429 -3.65 14.19 30.82
C TRP B 429 -3.55 12.87 30.06
N SER B 430 -2.35 12.28 30.09
CA SER B 430 -2.06 10.97 29.54
C SER B 430 -1.12 10.27 30.51
N THR B 431 -1.45 9.03 30.87
CA THR B 431 -0.56 8.25 31.74
C THR B 431 0.34 7.30 30.95
N ASP B 432 0.17 7.27 29.64
CA ASP B 432 1.18 6.74 28.73
C ASP B 432 2.01 7.94 28.24
N LYS B 433 3.14 7.67 27.57
CA LYS B 433 3.95 8.74 26.98
C LYS B 433 3.14 9.46 25.92
N ASP B 434 3.39 10.75 25.76
CA ASP B 434 2.60 11.60 24.86
C ASP B 434 3.52 12.50 24.07
N GLY B 435 3.69 12.20 22.78
CA GLY B 435 4.60 12.94 21.92
C GLY B 435 4.11 14.34 21.57
N ILE B 436 2.79 14.49 21.46
CA ILE B 436 2.22 15.78 21.07
C ILE B 436 2.38 16.87 22.16
N ILE B 437 2.10 16.53 23.42
CA ILE B 437 2.27 17.54 24.47
C ILE B 437 3.76 17.90 24.65
N MET B 438 4.65 16.96 24.35
CA MET B 438 6.09 17.25 24.48
C MET B 438 6.56 18.21 23.39
N CYS B 439 6.02 18.01 22.18
CA CYS B 439 6.32 18.91 21.07
C CYS B 439 5.77 20.30 21.32
N LEU B 440 4.51 20.37 21.74
CA LEU B 440 3.85 21.65 22.01
C LEU B 440 4.51 22.37 23.20
N LEU B 441 5.00 21.61 24.17
CA LEU B 441 5.73 22.20 25.29
C LEU B 441 6.97 22.97 24.81
N ALA B 442 7.68 22.39 23.84
CA ALA B 442 8.85 23.05 23.24
C ALA B 442 8.48 24.41 22.66
N ALA B 443 7.30 24.47 22.04
CA ALA B 443 6.73 25.70 21.51
C ALA B 443 6.35 26.67 22.64
N GLU B 444 5.69 26.16 23.70
CA GLU B 444 5.41 26.98 24.88
C GLU B 444 6.69 27.59 25.44
N ILE B 445 7.70 26.75 25.69
CA ILE B 445 8.98 27.24 26.21
C ILE B 445 9.54 28.39 25.37
N THR B 446 9.60 28.19 24.06
CA THR B 446 10.13 29.16 23.12
C THR B 446 9.30 30.47 23.14
N ALA B 447 7.98 30.31 23.11
CA ALA B 447 7.04 31.44 23.19
C ALA B 447 7.16 32.24 24.49
N VAL B 448 7.12 31.54 25.62
CA VAL B 448 7.11 32.17 26.95
C VAL B 448 8.44 32.84 27.31
N THR B 449 9.56 32.18 27.01
CA THR B 449 10.87 32.65 27.48
C THR B 449 11.66 33.41 26.43
N GLY B 450 11.26 33.32 25.17
CA GLY B 450 12.02 33.90 24.06
C GLY B 450 13.28 33.13 23.66
N LYS B 451 13.52 31.99 24.30
CA LYS B 451 14.65 31.12 23.94
C LYS B 451 14.15 29.72 23.61
N ASN B 452 14.65 29.14 22.52
CA ASN B 452 14.24 27.78 22.15
C ASN B 452 14.87 26.75 23.11
N PRO B 453 14.37 25.49 23.10
CA PRO B 453 14.88 24.57 24.13
C PRO B 453 16.38 24.29 24.05
N GLN B 454 16.96 24.37 22.86
CA GLN B 454 18.41 24.19 22.69
C GLN B 454 19.19 25.31 23.39
N GLU B 455 18.71 26.54 23.28
CA GLU B 455 19.36 27.69 23.95
C GLU B 455 19.26 27.52 25.46
N HIS B 456 18.12 27.04 25.95
CA HIS B 456 18.00 26.70 27.37
C HIS B 456 18.99 25.63 27.79
N TYR B 457 19.13 24.57 26.99
CA TYR B 457 20.12 23.54 27.35
C TYR B 457 21.52 24.12 27.44
N ASN B 458 21.88 24.97 26.48
CA ASN B 458 23.21 25.61 26.49
C ASN B 458 23.48 26.36 27.79
N GLU B 459 22.46 27.04 28.31
CA GLU B 459 22.60 27.76 29.57
C GLU B 459 22.73 26.79 30.75
N LEU B 460 21.99 25.68 30.71
CA LEU B 460 22.16 24.60 31.70
C LEU B 460 23.57 24.01 31.68
N ALA B 461 24.11 23.80 30.49
CA ALA B 461 25.50 23.30 30.32
C ALA B 461 26.55 24.30 30.83
N ALA B 462 26.32 25.59 30.62
CA ALA B 462 27.21 26.63 31.16
C ALA B 462 27.16 26.61 32.68
N ARG B 463 25.99 26.32 33.22
CA ARG B 463 25.75 26.31 34.65
C ARG B 463 26.29 25.07 35.36
N PHE B 464 26.07 23.89 34.78
CA PHE B 464 26.40 22.64 35.46
C PHE B 464 27.52 21.81 34.81
N GLY B 465 28.07 22.29 33.71
CA GLY B 465 28.99 21.48 32.93
C GLY B 465 28.21 20.81 31.81
N ALA B 466 28.90 20.56 30.69
CA ALA B 466 28.27 19.91 29.56
C ALA B 466 28.61 18.42 29.59
N PRO B 467 27.65 17.57 30.02
CA PRO B 467 27.95 16.14 30.11
C PRO B 467 28.06 15.47 28.74
N SER B 468 28.79 14.37 28.71
CA SER B 468 28.98 13.57 27.51
C SER B 468 28.41 12.18 27.78
N TYR B 469 27.50 11.74 26.92
CA TYR B 469 26.70 10.56 27.19
C TYR B 469 26.84 9.60 26.01
N ASN B 470 26.90 8.30 26.28
CA ASN B 470 26.98 7.33 25.19
C ASN B 470 26.37 6.00 25.62
N ARG B 471 25.89 5.22 24.66
CA ARG B 471 25.39 3.89 24.95
C ARG B 471 26.23 2.88 24.15
N LEU B 472 26.63 1.80 24.82
CA LEU B 472 27.37 0.71 24.18
C LEU B 472 26.53 -0.56 24.22
N GLN B 473 26.86 -1.50 23.35
CA GLN B 473 26.19 -2.77 23.29
C GLN B 473 27.15 -3.83 22.78
N ALA B 474 27.03 -5.04 23.33
CA ALA B 474 27.74 -6.21 22.81
C ALA B 474 26.95 -7.47 23.12
N SER B 475 27.26 -8.55 22.40
CA SER B 475 26.62 -9.84 22.64
C SER B 475 26.91 -10.45 24.02
N ALA B 476 25.93 -11.20 24.52
CA ALA B 476 26.07 -11.96 25.75
C ALA B 476 25.20 -13.21 25.64
N THR B 477 25.78 -14.35 26.03
CA THR B 477 25.04 -15.61 26.13
C THR B 477 24.06 -15.55 27.29
N SER B 478 23.01 -16.36 27.22
CA SER B 478 21.94 -16.38 28.23
C SER B 478 22.45 -16.51 29.66
N ALA B 479 23.54 -17.26 29.85
CA ALA B 479 24.15 -17.45 31.16
C ALA B 479 24.66 -16.12 31.72
N GLN B 480 25.47 -15.42 30.94
CA GLN B 480 25.99 -14.12 31.32
C GLN B 480 24.88 -13.08 31.41
N LYS B 481 23.89 -13.22 30.54
CA LYS B 481 22.70 -12.36 30.54
C LYS B 481 21.90 -12.52 31.83
N ALA B 482 21.80 -13.76 32.31
CA ALA B 482 21.10 -14.06 33.57
C ALA B 482 21.91 -13.62 34.78
N ALA B 483 23.24 -13.78 34.69
CA ALA B 483 24.17 -13.33 35.73
C ALA B 483 23.97 -11.85 36.01
N LEU B 484 24.23 -11.01 35.00
CA LEU B 484 24.01 -9.57 35.04
C LEU B 484 22.65 -9.17 35.63
N SER B 485 21.64 -10.00 35.36
CA SER B 485 20.27 -9.75 35.83
C SER B 485 20.15 -9.80 37.36
N LYS B 486 20.84 -10.73 37.99
CA LYS B 486 20.71 -10.93 39.44
C LYS B 486 22.03 -10.72 40.20
N LEU B 487 22.52 -9.48 40.21
CA LEU B 487 23.78 -9.14 40.88
C LEU B 487 23.57 -8.49 42.25
N SER B 488 24.58 -8.62 43.10
CA SER B 488 24.66 -7.93 44.39
C SER B 488 25.63 -6.75 44.26
N PRO B 489 25.36 -5.63 44.99
CA PRO B 489 26.18 -4.40 44.85
C PRO B 489 27.69 -4.54 45.14
N GLU B 490 28.05 -5.38 46.12
CA GLU B 490 29.45 -5.49 46.54
C GLU B 490 30.26 -6.51 45.71
N MET B 491 29.64 -7.07 44.69
CA MET B 491 30.33 -7.97 43.76
C MET B 491 31.23 -7.21 42.77
N VAL B 492 31.16 -5.88 42.83
CA VAL B 492 32.06 -5.01 42.08
C VAL B 492 33.38 -4.90 42.84
N SER B 493 34.44 -5.48 42.27
CA SER B 493 35.77 -5.42 42.87
C SER B 493 36.52 -4.16 42.43
N ALA B 494 35.77 -3.11 42.10
CA ALA B 494 36.34 -1.83 41.70
C ALA B 494 36.17 -0.76 42.79
N SER B 495 37.27 -0.04 43.04
CA SER B 495 37.34 0.98 44.07
C SER B 495 37.13 2.37 43.47
N THR B 496 37.46 2.49 42.18
CA THR B 496 37.49 3.77 41.51
C THR B 496 36.84 3.67 40.11
N LEU B 497 36.58 4.81 39.49
CA LEU B 497 36.08 4.84 38.11
C LEU B 497 36.60 6.08 37.39
N ALA B 498 37.41 5.86 36.35
CA ALA B 498 38.04 6.93 35.58
C ALA B 498 38.59 8.07 36.47
N GLY B 499 39.49 7.71 37.39
CA GLY B 499 40.21 8.69 38.20
C GLY B 499 39.50 9.17 39.45
N ASP B 500 38.26 8.75 39.62
CA ASP B 500 37.45 9.21 40.74
C ASP B 500 36.98 8.07 41.63
N PRO B 501 36.88 8.33 42.94
CA PRO B 501 36.36 7.35 43.90
C PRO B 501 34.90 7.01 43.64
N ILE B 502 34.57 5.72 43.72
CA ILE B 502 33.18 5.27 43.52
C ILE B 502 32.34 5.70 44.72
N THR B 503 31.26 6.42 44.45
CA THR B 503 30.38 6.93 45.50
C THR B 503 29.11 6.08 45.70
N ALA B 504 28.70 5.34 44.68
CA ALA B 504 27.51 4.49 44.80
C ALA B 504 27.64 3.24 43.93
N ARG B 505 27.17 2.11 44.47
CA ARG B 505 27.05 0.87 43.71
C ARG B 505 25.64 0.34 43.87
N LEU B 506 24.84 0.42 42.82
CA LEU B 506 23.40 0.18 42.91
C LEU B 506 22.96 -1.04 42.11
N THR B 507 22.09 -1.84 42.72
CA THR B 507 21.39 -2.92 42.01
C THR B 507 19.87 -2.73 42.11
N ALA B 508 19.44 -1.74 42.88
CA ALA B 508 18.04 -1.33 42.98
C ALA B 508 17.95 0.17 42.72
N ALA B 509 16.82 0.62 42.16
CA ALA B 509 16.61 2.04 41.89
C ALA B 509 16.38 2.81 43.19
N PRO B 510 17.13 3.92 43.38
CA PRO B 510 17.02 4.71 44.61
C PRO B 510 15.60 5.21 44.88
N GLY B 511 14.87 5.56 43.83
CA GLY B 511 13.53 6.16 43.93
C GLY B 511 12.41 5.27 44.42
N ASN B 512 12.32 4.06 43.87
CA ASN B 512 11.22 3.15 44.25
C ASN B 512 11.70 1.82 44.83
N GLY B 513 13.02 1.61 44.79
CA GLY B 513 13.63 0.42 45.38
C GLY B 513 13.46 -0.84 44.56
N ALA B 514 12.95 -0.68 43.33
CA ALA B 514 12.79 -1.81 42.43
C ALA B 514 14.13 -2.24 41.86
N SER B 515 14.27 -3.55 41.61
CA SER B 515 15.47 -4.11 41.01
C SER B 515 15.70 -3.46 39.66
N ILE B 516 16.93 -3.05 39.38
CA ILE B 516 17.22 -2.44 38.09
C ILE B 516 17.49 -3.50 37.03
N GLY B 517 17.62 -4.75 37.47
CA GLY B 517 17.99 -5.86 36.60
C GLY B 517 19.38 -5.69 36.04
N GLY B 518 20.28 -5.15 36.86
CA GLY B 518 21.63 -4.83 36.44
C GLY B 518 22.40 -4.05 37.49
N LEU B 519 23.26 -3.14 37.03
CA LEU B 519 24.20 -2.46 37.91
C LEU B 519 24.42 -1.01 37.49
N LYS B 520 24.38 -0.09 38.46
CA LYS B 520 24.81 1.30 38.23
C LYS B 520 25.96 1.65 39.17
N VAL B 521 26.99 2.29 38.62
CA VAL B 521 28.14 2.73 39.41
C VAL B 521 28.36 4.23 39.21
N MET B 522 28.53 4.96 40.31
CA MET B 522 28.66 6.41 40.25
C MET B 522 29.93 6.95 40.92
N THR B 523 30.41 8.09 40.40
CA THR B 523 31.38 8.94 41.09
C THR B 523 30.78 10.35 41.09
N ASP B 524 31.50 11.30 41.70
CA ASP B 524 31.10 12.71 41.60
C ASP B 524 31.11 13.28 40.16
N ASN B 525 31.83 12.65 39.24
CA ASN B 525 32.01 13.19 37.89
C ASN B 525 31.38 12.39 36.74
N GLY B 526 30.69 11.32 37.07
CA GLY B 526 30.10 10.48 36.04
C GLY B 526 29.59 9.16 36.57
N TRP B 527 29.06 8.34 35.67
CA TRP B 527 28.45 7.09 36.04
C TRP B 527 28.36 6.17 34.82
N PHE B 528 28.15 4.88 35.08
CA PHE B 528 27.73 3.95 34.05
C PHE B 528 26.68 3.04 34.66
N ALA B 529 25.81 2.53 33.79
CA ALA B 529 24.86 1.51 34.17
C ALA B 529 24.89 0.43 33.12
N ALA B 530 24.76 -0.81 33.56
CA ALA B 530 24.81 -1.96 32.68
C ALA B 530 23.63 -2.88 32.97
N ARG B 531 22.98 -3.34 31.90
CA ARG B 531 21.83 -4.22 32.02
C ARG B 531 21.68 -5.02 30.74
N PRO B 532 21.05 -6.21 30.82
CA PRO B 532 20.85 -7.04 29.61
C PRO B 532 19.75 -6.47 28.70
N SER B 533 19.77 -6.88 27.44
CA SER B 533 18.75 -6.51 26.46
C SER B 533 17.49 -7.37 26.56
N GLY B 534 16.34 -6.77 26.22
CA GLY B 534 15.07 -7.48 26.18
C GLY B 534 14.90 -8.36 24.95
N THR B 535 15.32 -7.87 23.79
CA THR B 535 15.12 -8.57 22.50
C THR B 535 16.26 -9.52 22.10
N GLU B 536 17.49 -9.01 22.08
CA GLU B 536 18.63 -9.81 21.62
C GLU B 536 19.40 -10.43 22.80
N ASP B 537 20.28 -11.39 22.48
CA ASP B 537 21.23 -11.94 23.44
C ASP B 537 22.41 -10.97 23.59
N ALA B 538 22.18 -9.90 24.34
CA ALA B 538 23.13 -8.80 24.45
C ALA B 538 22.95 -8.05 25.76
N TYR B 539 23.98 -7.28 26.13
CA TYR B 539 23.90 -6.35 27.24
C TYR B 539 24.15 -4.94 26.71
N LYS B 540 23.70 -3.96 27.48
CA LYS B 540 23.89 -2.56 27.13
C LYS B 540 24.59 -1.85 28.25
N ILE B 541 25.44 -0.88 27.91
CA ILE B 541 26.07 -0.03 28.89
C ILE B 541 25.78 1.43 28.59
N TYR B 542 25.23 2.13 29.58
CA TYR B 542 25.02 3.56 29.47
C TYR B 542 26.07 4.25 30.32
N CYS B 543 26.71 5.28 29.77
CA CYS B 543 27.84 5.97 30.43
CA CYS B 543 27.71 6.00 30.55
C CYS B 543 27.68 7.48 30.27
N GLU B 544 28.05 8.25 31.29
CA GLU B 544 28.01 9.70 31.16
C GLU B 544 29.14 10.32 31.96
N SER B 545 29.75 11.36 31.40
CA SER B 545 30.77 12.11 32.12
C SER B 545 30.44 13.59 32.13
N PHE B 546 30.53 14.21 33.30
CA PHE B 546 30.40 15.67 33.39
C PHE B 546 31.71 16.38 33.09
N LEU B 547 32.75 15.61 32.82
CA LEU B 547 34.05 16.17 32.49
C LEU B 547 34.33 16.26 31.00
N GLY B 548 33.65 15.44 30.20
CA GLY B 548 33.83 15.48 28.75
C GLY B 548 34.01 14.13 28.08
N GLU B 549 34.24 14.17 26.76
CA GLU B 549 34.30 12.96 25.93
C GLU B 549 35.46 12.05 26.28
N GLU B 550 36.64 12.62 26.47
CA GLU B 550 37.85 11.85 26.80
C GLU B 550 37.64 11.06 28.10
N HIS B 551 37.12 11.74 29.12
CA HIS B 551 36.80 11.10 30.40
C HIS B 551 35.66 10.08 30.26
N ARG B 552 34.67 10.38 29.42
CA ARG B 552 33.61 9.43 29.14
C ARG B 552 34.14 8.13 28.52
N LYS B 553 35.08 8.27 27.59
CA LYS B 553 35.71 7.12 26.95
C LYS B 553 36.44 6.26 27.98
N GLN B 554 37.04 6.91 28.97
CA GLN B 554 37.68 6.21 30.08
C GLN B 554 36.66 5.45 30.93
N ILE B 555 35.51 6.08 31.22
CA ILE B 555 34.41 5.38 31.90
C ILE B 555 33.95 4.15 31.10
N GLU B 556 33.80 4.29 29.78
CA GLU B 556 33.39 3.19 28.89
C GLU B 556 34.30 1.96 29.00
N LYS B 557 35.60 2.19 28.85
CA LYS B 557 36.60 1.11 29.02
C LYS B 557 36.49 0.40 30.38
N GLU B 558 36.40 1.16 31.45
CA GLU B 558 36.35 0.57 32.79
C GLU B 558 35.02 -0.13 33.06
N ALA B 559 33.94 0.39 32.47
CA ALA B 559 32.62 -0.23 32.55
C ALA B 559 32.64 -1.62 31.92
N VAL B 560 33.24 -1.71 30.72
CA VAL B 560 33.39 -3.00 30.04
C VAL B 560 34.20 -3.97 30.90
N GLU B 561 35.32 -3.50 31.45
CA GLU B 561 36.16 -4.33 32.31
C GLU B 561 35.39 -4.82 33.55
N ILE B 562 34.69 -3.90 34.22
CA ILE B 562 33.90 -4.26 35.41
C ILE B 562 32.80 -5.28 35.08
N VAL B 563 32.09 -5.06 33.98
CA VAL B 563 31.03 -5.96 33.53
C VAL B 563 31.55 -7.37 33.22
N SER B 564 32.63 -7.45 32.44
CA SER B 564 33.23 -8.74 32.09
C SER B 564 33.85 -9.49 33.28
N GLU B 565 34.15 -8.75 34.36
CA GLU B 565 34.71 -9.33 35.58
C GLU B 565 33.61 -9.75 36.55
N VAL B 566 32.55 -8.95 36.62
CA VAL B 566 31.38 -9.26 37.44
C VAL B 566 30.64 -10.47 36.83
N LEU B 567 30.56 -10.51 35.50
CA LEU B 567 29.94 -11.62 34.79
C LEU B 567 30.99 -12.46 34.03
N LYS B 568 31.90 -13.08 34.78
CA LYS B 568 32.94 -13.95 34.22
C LYS B 568 32.74 -15.41 34.62
N ASN B 569 32.10 -15.61 35.77
CA ASN B 569 31.84 -16.95 36.31
C ASN B 569 30.90 -17.76 35.42
MG MG C . -5.69 -4.04 -19.98
P PO4 D . -19.17 -1.91 -23.15
O1 PO4 D . -17.83 -2.12 -22.48
O2 PO4 D . -18.95 -1.31 -24.52
O3 PO4 D . -19.90 -3.22 -23.27
O4 PO4 D . -20.00 -0.95 -22.32
MG MG E . 6.08 4.91 19.86
P PO4 F . 15.73 -2.98 26.13
O1 PO4 F . 15.44 -4.21 26.96
O2 PO4 F . 16.43 -3.42 24.86
O3 PO4 F . 14.45 -2.27 25.80
O4 PO4 F . 16.64 -2.06 26.91
#